data_4FPC
#
_entry.id   4FPC
#
_cell.length_a   76.639
_cell.length_b   82.842
_cell.length_c   118.284
_cell.angle_alpha   90.000
_cell.angle_beta   90.000
_cell.angle_gamma   90.000
#
_symmetry.space_group_name_H-M   'P 21 21 21'
#
loop_
_entity.id
_entity.type
_entity.pdbx_description
1 polymer 'Sialidase B'
2 non-polymer '2-[(4-chlorobenzyl)amino]ethanesulfonic acid'
3 non-polymer GLYCEROL
4 water water
#
_entity_poly.entity_id   1
_entity_poly.type   'polypeptide(L)'
_entity_poly.pdbx_seq_one_letter_code
;MNKRGLYSKLGISVVGISLLMGVPTLIHANELNYGQLSISPIFQGGSYQLNNKSIDISSLLLDKLSGESQTVVMKFKADK
PNSLQALFGLSNSKAGFKNNYFSIFMRDSGEIGVEIRDAQKGINYLFSRPASLWGKHKGQAVENTLVFVSDSKDKTYTMY
VNGIEVFSETVDTFLPISNINGIDKATLGAVNREGKEHYLAKGSIDEISLFNKAISDQEVSTIPLSNPFQLIFQSGDSTQ
ANYFRIPTLYTLSSGRVLSSIDARYGGTHDSKSKINIATSYSDDNGKTWSEPIFAMKFNDYEEQLVYWPRDNKLKNSQIS
GSASFIDSSIVEDKKSGKTILLADVMPAGIGNNNANKADSGFKEINGHYYLKLKKNGDNDFRYTVRENGVVYNETTNKPT
NYTINDKYEVLEGGKSLTVEQYSVDFDSGSLRERHNGKQVPMNVFYKDSLFKVTPTNYIAMTTSQNRGESWEQFKLLPPF
LGEKHNGTYLCPGQGLALKSSNRLIFATYTSGELTYLISDDSGQTWKKSSASIPFKNATAEAQMVELRDGVIRTFFRTTT
GKIAYMTSRDSGETWSKVSYIDGIQQTSYGTQVSAIKYSQLIDGKEAVILSTPNSRSGRKGGQLVVGLVNKEDDSIDWKY
HYDIDLPSYGYAYSAITELPNHHIGVLFEKYDSWSRNELHLSNVVQYIDLEINDLTK
;
_entity_poly.pdbx_strand_id   A
#
loop_
_chem_comp.id
_chem_comp.type
_chem_comp.name
_chem_comp.formula
GOL non-polymer GLYCEROL 'C3 H8 O3'
MFY non-polymer '2-[(4-chlorobenzyl)amino]ethanesulfonic acid' 'C9 H12 Cl N O3 S'
#
# COMPACT_ATOMS: atom_id res chain seq x y z
N ILE A 39 -32.15 -15.27 10.13
CA ILE A 39 -33.13 -15.01 9.08
C ILE A 39 -32.98 -16.00 7.92
N SER A 40 -34.04 -16.14 7.14
CA SER A 40 -34.10 -17.09 6.04
C SER A 40 -34.28 -16.34 4.72
N PRO A 41 -33.87 -16.96 3.60
CA PRO A 41 -34.00 -16.28 2.31
C PRO A 41 -35.39 -16.34 1.68
N ILE A 42 -35.71 -15.35 0.85
CA ILE A 42 -36.91 -15.38 0.04
C ILE A 42 -36.60 -16.04 -1.29
N PHE A 43 -35.30 -16.14 -1.59
CA PHE A 43 -34.89 -16.73 -2.86
C PHE A 43 -33.46 -17.19 -2.80
N GLN A 44 -33.20 -18.31 -3.45
CA GLN A 44 -31.87 -18.87 -3.48
C GLN A 44 -31.76 -19.75 -4.71
N GLY A 45 -30.64 -19.59 -5.41
CA GLY A 45 -30.36 -20.41 -6.57
C GLY A 45 -28.86 -20.54 -6.71
N GLY A 46 -28.42 -21.26 -7.72
CA GLY A 46 -27.00 -21.47 -7.93
C GLY A 46 -26.65 -22.32 -9.12
N SER A 47 -25.34 -22.50 -9.31
CA SER A 47 -24.77 -23.14 -10.49
C SER A 47 -25.24 -22.46 -11.79
N TYR A 48 -25.30 -21.13 -11.78
CA TYR A 48 -25.63 -20.41 -13.00
C TYR A 48 -24.38 -20.15 -13.81
N GLN A 49 -24.36 -20.66 -15.03
CA GLN A 49 -23.30 -20.31 -15.95
C GLN A 49 -23.72 -19.05 -16.70
N LEU A 50 -22.87 -18.04 -16.66
CA LEU A 50 -23.10 -16.82 -17.40
C LEU A 50 -22.21 -16.80 -18.63
N ASN A 51 -22.70 -17.34 -19.75
CA ASN A 51 -21.90 -17.37 -20.96
C ASN A 51 -22.40 -16.42 -22.04
N ASN A 52 -22.35 -15.12 -21.72
CA ASN A 52 -22.89 -14.06 -22.59
C ASN A 52 -24.36 -14.27 -22.96
N LYS A 53 -25.09 -14.85 -22.02
CA LYS A 53 -26.51 -15.07 -22.21
C LYS A 53 -27.17 -14.97 -20.86
N SER A 54 -28.15 -14.06 -20.77
CA SER A 54 -28.83 -13.80 -19.51
C SER A 54 -29.76 -14.93 -19.08
N ILE A 55 -29.82 -15.16 -17.77
CA ILE A 55 -30.72 -16.16 -17.21
C ILE A 55 -31.88 -15.44 -16.54
N ASP A 56 -33.09 -15.78 -16.96
CA ASP A 56 -34.29 -15.13 -16.44
C ASP A 56 -34.74 -15.83 -15.16
N ILE A 57 -34.96 -15.04 -14.12
CA ILE A 57 -35.41 -15.56 -12.84
C ILE A 57 -36.58 -14.75 -12.29
N SER A 58 -37.30 -14.06 -13.19
CA SER A 58 -38.43 -13.22 -12.80
C SER A 58 -39.49 -13.93 -11.97
N SER A 59 -39.94 -15.09 -12.47
CA SER A 59 -41.07 -15.81 -11.88
C SER A 59 -40.69 -16.40 -10.55
N LEU A 60 -39.39 -16.54 -10.33
CA LEU A 60 -38.89 -17.10 -9.10
C LEU A 60 -38.79 -16.02 -8.00
N LEU A 61 -38.44 -14.80 -8.40
CA LEU A 61 -38.01 -13.78 -7.45
C LEU A 61 -38.99 -12.62 -7.22
N LEU A 62 -39.45 -12.02 -8.33
CA LEU A 62 -40.18 -10.76 -8.27
C LEU A 62 -41.33 -10.73 -7.29
N ASP A 63 -42.13 -11.79 -7.26
CA ASP A 63 -43.29 -11.83 -6.38
CA ASP A 63 -43.29 -11.85 -6.38
C ASP A 63 -42.91 -12.02 -4.91
N LYS A 64 -41.68 -12.46 -4.67
CA LYS A 64 -41.18 -12.63 -3.29
C LYS A 64 -40.60 -11.36 -2.70
N LEU A 65 -40.32 -10.36 -3.54
CA LEU A 65 -39.79 -9.09 -3.05
C LEU A 65 -40.85 -8.34 -2.27
N SER A 66 -40.53 -7.93 -1.06
CA SER A 66 -41.46 -7.14 -0.27
C SER A 66 -40.76 -6.27 0.77
N GLY A 67 -41.34 -5.10 1.01
CA GLY A 67 -40.74 -4.17 1.93
C GLY A 67 -39.60 -3.43 1.26
N GLU A 68 -39.07 -2.44 1.97
CA GLU A 68 -38.15 -1.50 1.36
C GLU A 68 -36.67 -1.75 1.67
N SER A 69 -36.39 -2.78 2.47
CA SER A 69 -35.01 -3.15 2.74
C SER A 69 -34.67 -4.53 2.16
N GLN A 70 -33.53 -4.63 1.50
CA GLN A 70 -33.13 -5.91 0.91
C GLN A 70 -31.65 -6.16 1.13
N THR A 71 -31.29 -7.43 1.13
CA THR A 71 -29.91 -7.82 1.21
C THR A 71 -29.64 -8.82 0.09
N VAL A 72 -28.55 -8.60 -0.64
CA VAL A 72 -28.10 -9.56 -1.64
C VAL A 72 -26.80 -10.21 -1.22
N VAL A 73 -26.75 -11.53 -1.32
CA VAL A 73 -25.52 -12.25 -1.09
C VAL A 73 -25.26 -13.12 -2.31
N MET A 74 -24.12 -12.91 -2.94
CA MET A 74 -23.83 -13.55 -4.21
C MET A 74 -22.41 -14.04 -4.23
N LYS A 75 -22.26 -15.34 -4.49
CA LYS A 75 -20.96 -15.95 -4.70
C LYS A 75 -20.76 -16.17 -6.18
N PHE A 76 -19.73 -15.55 -6.74
CA PHE A 76 -19.53 -15.59 -8.19
C PHE A 76 -18.08 -15.66 -8.61
N LYS A 77 -17.86 -16.19 -9.81
CA LYS A 77 -16.54 -16.21 -10.43
C LYS A 77 -16.52 -15.42 -11.72
N ALA A 78 -15.39 -14.80 -12.03
CA ALA A 78 -15.18 -14.20 -13.34
C ALA A 78 -13.69 -14.03 -13.61
N ASP A 79 -13.12 -14.98 -14.33
CA ASP A 79 -11.72 -14.91 -14.70
C ASP A 79 -11.50 -14.39 -16.13
N LYS A 80 -12.58 -14.20 -16.88
CA LYS A 80 -12.50 -13.54 -18.19
C LYS A 80 -13.69 -12.63 -18.41
N PRO A 81 -13.86 -11.61 -17.55
CA PRO A 81 -15.05 -10.76 -17.68
C PRO A 81 -15.00 -9.86 -18.89
N ASN A 82 -16.15 -9.48 -19.43
CA ASN A 82 -16.21 -8.41 -20.41
C ASN A 82 -15.86 -7.07 -19.74
N SER A 83 -15.64 -6.05 -20.56
CA SER A 83 -15.23 -4.73 -20.11
C SER A 83 -16.14 -4.20 -19.00
N LEU A 84 -17.44 -4.34 -19.24
CA LEU A 84 -18.46 -3.94 -18.29
C LEU A 84 -19.56 -4.98 -18.36
N GLN A 85 -19.92 -5.55 -17.22
CA GLN A 85 -20.97 -6.56 -17.22
C GLN A 85 -21.79 -6.54 -15.94
N ALA A 86 -23.09 -6.75 -16.10
CA ALA A 86 -24.00 -6.88 -14.95
C ALA A 86 -24.03 -8.32 -14.47
N LEU A 87 -23.87 -8.50 -13.16
CA LEU A 87 -24.07 -9.82 -12.57
C LEU A 87 -25.57 -10.05 -12.32
N PHE A 88 -26.24 -9.01 -11.85
CA PHE A 88 -27.62 -9.17 -11.37
C PHE A 88 -28.43 -7.93 -11.71
N GLY A 89 -29.68 -8.13 -12.11
CA GLY A 89 -30.51 -7.02 -12.52
C GLY A 89 -31.97 -7.13 -12.16
N LEU A 90 -32.54 -5.98 -11.78
CA LEU A 90 -33.99 -5.79 -11.68
C LEU A 90 -34.39 -4.62 -12.59
N SER A 91 -35.17 -4.88 -13.63
CA SER A 91 -35.51 -3.80 -14.56
C SER A 91 -36.99 -3.71 -14.95
N ASN A 92 -37.39 -2.49 -15.31
CA ASN A 92 -38.56 -2.28 -16.15
C ASN A 92 -38.07 -2.51 -17.56
N SER A 93 -38.42 -3.65 -18.15
CA SER A 93 -37.95 -3.95 -19.50
C SER A 93 -38.87 -3.41 -20.60
N LYS A 94 -39.90 -2.67 -20.23
CA LYS A 94 -40.87 -2.18 -21.20
C LYS A 94 -40.36 -0.98 -22.00
N ALA A 95 -40.86 -0.84 -23.23
CA ALA A 95 -40.52 0.28 -24.09
C ALA A 95 -40.70 1.61 -23.36
N GLY A 96 -39.71 2.48 -23.45
CA GLY A 96 -39.83 3.78 -22.83
C GLY A 96 -39.36 3.87 -21.39
N PHE A 97 -38.73 2.80 -20.89
CA PHE A 97 -38.22 2.83 -19.52
C PHE A 97 -36.84 2.21 -19.41
N LYS A 98 -36.00 2.49 -20.41
CA LYS A 98 -34.67 1.90 -20.47
C LYS A 98 -33.80 2.29 -19.28
N ASN A 99 -34.15 3.37 -18.59
CA ASN A 99 -33.40 3.82 -17.42
C ASN A 99 -34.13 3.58 -16.09
N ASN A 100 -34.95 2.54 -16.05
CA ASN A 100 -35.60 2.15 -14.83
C ASN A 100 -35.10 0.76 -14.43
N TYR A 101 -34.03 0.72 -13.62
CA TYR A 101 -33.43 -0.55 -13.21
C TYR A 101 -32.47 -0.46 -12.00
N PHE A 102 -32.25 -1.62 -11.38
CA PHE A 102 -31.17 -1.84 -10.41
C PHE A 102 -30.25 -2.91 -10.95
N SER A 103 -28.96 -2.74 -10.72
CA SER A 103 -28.00 -3.73 -11.16
C SER A 103 -26.81 -3.78 -10.23
N ILE A 104 -26.18 -4.95 -10.18
CA ILE A 104 -24.87 -5.04 -9.60
C ILE A 104 -23.97 -5.35 -10.76
N PHE A 105 -22.97 -4.50 -10.98
CA PHE A 105 -22.09 -4.66 -12.14
C PHE A 105 -20.62 -4.67 -11.75
N MET A 106 -19.81 -5.21 -12.64
CA MET A 106 -18.37 -5.20 -12.46
C MET A 106 -17.68 -4.81 -13.76
N ARG A 107 -16.46 -4.30 -13.66
CA ARG A 107 -15.63 -4.02 -14.82
C ARG A 107 -14.41 -4.92 -14.85
N ASP A 108 -13.84 -5.15 -16.04
CA ASP A 108 -12.64 -5.98 -16.17
C ASP A 108 -11.41 -5.40 -15.48
N SER A 109 -11.55 -4.22 -14.92
CA SER A 109 -10.52 -3.68 -14.06
C SER A 109 -10.65 -4.19 -12.62
N GLY A 110 -11.72 -4.93 -12.33
CA GLY A 110 -11.99 -5.40 -10.99
C GLY A 110 -12.80 -4.48 -10.10
N GLU A 111 -13.33 -3.40 -10.68
CA GLU A 111 -14.24 -2.51 -9.96
C GLU A 111 -15.61 -3.18 -9.74
N ILE A 112 -16.24 -2.90 -8.60
CA ILE A 112 -17.58 -3.40 -8.37
C ILE A 112 -18.48 -2.19 -8.13
N GLY A 113 -19.75 -2.30 -8.54
CA GLY A 113 -20.72 -1.26 -8.24
C GLY A 113 -22.20 -1.59 -8.43
N VAL A 114 -23.06 -0.65 -8.06
CA VAL A 114 -24.48 -0.78 -8.29
C VAL A 114 -25.02 0.43 -9.03
N GLU A 115 -26.13 0.25 -9.74
CA GLU A 115 -26.90 1.38 -10.22
C GLU A 115 -28.31 1.27 -9.67
N ILE A 116 -28.87 2.39 -9.23
CA ILE A 116 -30.28 2.41 -8.83
C ILE A 116 -30.99 3.58 -9.53
N ARG A 117 -31.82 3.25 -10.53
CA ARG A 117 -32.39 4.25 -11.42
C ARG A 117 -33.91 4.17 -11.60
N ASP A 118 -34.56 5.33 -11.55
CA ASP A 118 -36.00 5.47 -11.75
C ASP A 118 -36.26 6.85 -12.37
N ALA A 119 -36.65 6.87 -13.64
CA ALA A 119 -36.82 8.11 -14.41
C ALA A 119 -37.98 8.99 -13.94
N GLN A 120 -39.04 8.35 -13.46
CA GLN A 120 -40.15 9.11 -12.92
C GLN A 120 -39.71 9.80 -11.63
N LYS A 121 -38.91 9.10 -10.82
CA LYS A 121 -38.45 9.66 -9.55
C LYS A 121 -37.34 10.70 -9.72
N GLY A 122 -36.64 10.66 -10.84
CA GLY A 122 -35.52 11.57 -11.07
C GLY A 122 -34.24 11.12 -10.36
N ILE A 123 -34.13 9.81 -10.15
CA ILE A 123 -33.04 9.24 -9.37
C ILE A 123 -32.13 8.37 -10.22
N ASN A 124 -30.83 8.68 -10.17
CA ASN A 124 -29.84 7.90 -10.89
C ASN A 124 -28.62 7.71 -9.99
N TYR A 125 -28.73 6.77 -9.06
CA TYR A 125 -27.61 6.46 -8.18
C TYR A 125 -26.63 5.53 -8.88
N LEU A 126 -25.35 5.83 -8.71
CA LEU A 126 -24.27 4.99 -9.20
C LEU A 126 -23.13 5.01 -8.17
N PHE A 127 -22.90 3.88 -7.51
CA PHE A 127 -21.83 3.76 -6.52
C PHE A 127 -20.95 2.60 -6.89
N SER A 128 -19.66 2.76 -6.65
CA SER A 128 -18.70 1.75 -7.07
C SER A 128 -17.41 1.95 -6.31
N ARG A 129 -16.56 0.94 -6.35
CA ARG A 129 -15.19 1.13 -5.97
C ARG A 129 -14.27 0.35 -6.88
N PRO A 130 -13.22 1.01 -7.35
CA PRO A 130 -12.23 0.25 -8.12
C PRO A 130 -11.58 -0.85 -7.28
N ALA A 131 -10.95 -1.79 -7.98
CA ALA A 131 -10.16 -2.87 -7.40
C ALA A 131 -10.84 -3.55 -6.21
N SER A 132 -12.01 -4.14 -6.44
CA SER A 132 -12.69 -4.79 -5.32
C SER A 132 -12.66 -6.30 -5.47
N LEU A 133 -12.14 -6.78 -6.58
CA LEU A 133 -12.35 -8.17 -6.96
C LEU A 133 -11.05 -8.98 -7.11
N TRP A 134 -11.18 -10.29 -6.91
CA TRP A 134 -10.17 -11.24 -7.36
C TRP A 134 -10.69 -11.98 -8.60
N GLY A 135 -9.77 -12.27 -9.52
CA GLY A 135 -10.11 -13.01 -10.72
C GLY A 135 -9.61 -14.45 -10.69
N LYS A 136 -8.30 -14.62 -10.69
CA LYS A 136 -7.69 -15.95 -10.64
C LYS A 136 -6.66 -16.03 -9.54
N HIS A 137 -6.37 -17.24 -9.07
CA HIS A 137 -5.34 -17.50 -8.07
C HIS A 137 -4.88 -18.95 -8.22
N LYS A 138 -3.58 -19.13 -8.43
CA LYS A 138 -2.99 -20.42 -8.79
C LYS A 138 -3.66 -21.03 -10.02
N GLY A 139 -3.91 -20.19 -11.03
CA GLY A 139 -4.55 -20.65 -12.25
C GLY A 139 -5.98 -21.17 -12.10
N GLN A 140 -6.67 -20.71 -11.07
CA GLN A 140 -8.04 -21.17 -10.82
C GLN A 140 -8.94 -19.98 -10.45
N ALA A 141 -10.04 -19.84 -11.18
CA ALA A 141 -11.00 -18.76 -10.94
C ALA A 141 -11.36 -18.66 -9.46
N VAL A 142 -11.21 -17.47 -8.87
CA VAL A 142 -11.54 -17.25 -7.46
C VAL A 142 -13.05 -17.06 -7.26
N GLU A 143 -13.57 -17.64 -6.19
CA GLU A 143 -14.96 -17.41 -5.81
C GLU A 143 -15.08 -16.18 -4.93
N ASN A 144 -15.64 -15.11 -5.49
CA ASN A 144 -15.89 -13.88 -4.76
C ASN A 144 -17.19 -13.94 -3.98
N THR A 145 -17.17 -13.40 -2.77
CA THR A 145 -18.37 -13.30 -1.97
C THR A 145 -18.80 -11.85 -1.88
N LEU A 146 -19.92 -11.55 -2.52
CA LEU A 146 -20.46 -10.20 -2.55
C LEU A 146 -21.70 -10.10 -1.64
N VAL A 147 -21.73 -9.03 -0.84
CA VAL A 147 -22.85 -8.74 0.02
C VAL A 147 -23.26 -7.29 -0.19
N PHE A 148 -24.47 -7.10 -0.70
CA PHE A 148 -25.00 -5.76 -0.89
C PHE A 148 -26.23 -5.56 0.00
N VAL A 149 -26.17 -4.52 0.83
CA VAL A 149 -27.25 -4.22 1.74
C VAL A 149 -27.92 -2.87 1.43
N SER A 150 -29.21 -2.94 1.14
CA SER A 150 -30.05 -1.79 0.84
C SER A 150 -30.96 -1.56 2.05
N ASP A 151 -30.56 -0.60 2.88
CA ASP A 151 -31.21 -0.35 4.16
C ASP A 151 -32.09 0.90 4.07
N SER A 152 -33.41 0.72 4.11
CA SER A 152 -34.31 1.86 4.02
C SER A 152 -34.36 2.65 5.34
N LYS A 153 -34.11 1.97 6.47
CA LYS A 153 -34.15 2.63 7.77
C LYS A 153 -33.08 3.70 7.82
N ASP A 154 -31.84 3.29 7.56
CA ASP A 154 -30.72 4.20 7.58
C ASP A 154 -30.50 4.87 6.22
N LYS A 155 -31.30 4.49 5.22
CA LYS A 155 -31.23 5.09 3.89
C LYS A 155 -29.82 4.96 3.30
N THR A 156 -29.24 3.78 3.48
CA THR A 156 -27.85 3.56 3.09
C THR A 156 -27.69 2.34 2.18
N TYR A 157 -26.79 2.44 1.20
CA TYR A 157 -26.42 1.33 0.34
C TYR A 157 -25.01 0.91 0.70
N THR A 158 -24.83 -0.36 1.04
CA THR A 158 -23.53 -0.84 1.48
C THR A 158 -23.12 -2.07 0.69
N MET A 159 -21.85 -2.13 0.33
CA MET A 159 -21.34 -3.22 -0.47
C MET A 159 -20.09 -3.83 0.19
N TYR A 160 -20.07 -5.15 0.30
CA TYR A 160 -18.88 -5.85 0.79
C TYR A 160 -18.47 -6.84 -0.26
N VAL A 161 -17.16 -7.00 -0.43
CA VAL A 161 -16.66 -8.06 -1.26
C VAL A 161 -15.52 -8.76 -0.56
N ASN A 162 -15.64 -10.08 -0.45
CA ASN A 162 -14.66 -10.90 0.25
C ASN A 162 -14.37 -10.39 1.68
N GLY A 163 -15.42 -10.03 2.40
CA GLY A 163 -15.27 -9.63 3.81
C GLY A 163 -14.99 -8.14 4.00
N ILE A 164 -14.58 -7.48 2.93
CA ILE A 164 -14.17 -6.09 2.99
C ILE A 164 -15.27 -5.13 2.54
N GLU A 165 -15.58 -4.14 3.39
CA GLU A 165 -16.52 -3.11 2.99
C GLU A 165 -15.90 -2.19 1.94
N VAL A 166 -16.52 -2.11 0.76
CA VAL A 166 -15.94 -1.30 -0.32
C VAL A 166 -16.60 0.05 -0.52
N PHE A 167 -17.88 0.15 -0.17
CA PHE A 167 -18.53 1.45 -0.07
C PHE A 167 -19.77 1.39 0.81
N SER A 168 -20.16 2.57 1.29
CA SER A 168 -21.35 2.72 2.13
C SER A 168 -21.86 4.14 1.87
N GLU A 169 -22.99 4.25 1.17
CA GLU A 169 -23.51 5.55 0.74
C GLU A 169 -24.87 5.88 1.34
N THR A 170 -24.93 6.98 2.08
CA THR A 170 -26.19 7.47 2.59
C THR A 170 -26.75 8.48 1.58
N VAL A 171 -28.06 8.37 1.31
CA VAL A 171 -28.72 9.29 0.40
C VAL A 171 -29.83 10.02 1.14
N ASP A 172 -30.16 11.23 0.68
CA ASP A 172 -31.26 11.96 1.27
C ASP A 172 -32.56 11.30 0.86
N THR A 173 -32.66 10.93 -0.42
CA THR A 173 -33.85 10.33 -0.99
C THR A 173 -33.63 8.86 -1.32
N PHE A 174 -34.09 7.99 -0.44
CA PHE A 174 -33.86 6.56 -0.61
C PHE A 174 -34.72 5.95 -1.71
N LEU A 175 -34.08 5.17 -2.56
CA LEU A 175 -34.78 4.33 -3.52
C LEU A 175 -34.56 2.85 -3.22
N PRO A 176 -35.57 2.18 -2.64
CA PRO A 176 -35.47 0.72 -2.42
C PRO A 176 -35.45 0.02 -3.77
N ILE A 177 -34.69 -1.06 -3.88
CA ILE A 177 -34.37 -1.64 -5.19
C ILE A 177 -35.53 -2.28 -5.96
N SER A 178 -36.69 -2.43 -5.31
CA SER A 178 -37.88 -2.94 -6.02
C SER A 178 -39.06 -1.97 -5.98
N ASN A 179 -38.81 -0.75 -5.51
CA ASN A 179 -39.77 0.32 -5.68
C ASN A 179 -39.51 1.09 -6.97
N ILE A 180 -38.63 0.56 -7.81
CA ILE A 180 -38.40 1.17 -9.10
C ILE A 180 -39.65 1.02 -9.95
N ASN A 181 -40.09 2.13 -10.53
CA ASN A 181 -41.32 2.17 -11.30
C ASN A 181 -41.40 1.17 -12.45
N GLY A 182 -42.25 0.16 -12.27
CA GLY A 182 -42.62 -0.77 -13.33
C GLY A 182 -41.72 -1.96 -13.55
N ILE A 183 -40.95 -2.35 -12.52
CA ILE A 183 -40.05 -3.49 -12.67
C ILE A 183 -40.85 -4.70 -13.11
N ASP A 184 -40.33 -5.43 -14.10
CA ASP A 184 -40.96 -6.69 -14.51
C ASP A 184 -39.97 -7.80 -14.84
N LYS A 185 -38.69 -7.54 -14.67
CA LYS A 185 -37.70 -8.59 -14.89
C LYS A 185 -36.72 -8.71 -13.75
N ALA A 186 -36.37 -9.96 -13.43
CA ALA A 186 -35.21 -10.22 -12.60
C ALA A 186 -34.26 -11.04 -13.46
N THR A 187 -33.00 -10.60 -13.55
CA THR A 187 -32.08 -11.17 -14.52
C THR A 187 -30.68 -11.42 -13.96
N LEU A 188 -30.06 -12.51 -14.40
CA LEU A 188 -28.66 -12.79 -14.09
C LEU A 188 -27.83 -12.68 -15.37
N GLY A 189 -26.69 -11.99 -15.27
CA GLY A 189 -25.76 -11.91 -16.39
C GLY A 189 -26.13 -10.92 -17.48
N ALA A 190 -27.10 -10.05 -17.18
CA ALA A 190 -27.43 -8.90 -18.03
C ALA A 190 -28.44 -7.99 -17.32
N VAL A 191 -28.74 -6.87 -17.96
CA VAL A 191 -29.89 -6.07 -17.56
C VAL A 191 -30.82 -6.00 -18.75
N ASN A 192 -32.04 -6.47 -18.57
CA ASN A 192 -33.03 -6.41 -19.65
C ASN A 192 -33.59 -5.00 -19.80
N ARG A 193 -33.12 -4.30 -20.82
CA ARG A 193 -33.61 -2.96 -21.13
C ARG A 193 -34.36 -2.98 -22.45
N GLU A 194 -35.62 -2.55 -22.41
CA GLU A 194 -36.49 -2.51 -23.59
C GLU A 194 -36.48 -3.80 -24.42
N GLY A 195 -36.52 -4.94 -23.72
CA GLY A 195 -36.55 -6.24 -24.35
C GLY A 195 -35.20 -6.83 -24.72
N LYS A 196 -34.12 -6.09 -24.51
CA LYS A 196 -32.77 -6.55 -24.91
C LYS A 196 -31.74 -6.71 -23.80
N GLU A 197 -30.78 -7.62 -24.01
CA GLU A 197 -29.75 -7.92 -23.03
C GLU A 197 -28.61 -6.90 -23.02
N HIS A 198 -28.64 -5.97 -22.07
CA HIS A 198 -27.54 -5.03 -21.90
C HIS A 198 -26.56 -5.53 -20.85
N TYR A 199 -25.29 -5.16 -21.03
CA TYR A 199 -24.19 -5.50 -20.13
C TYR A 199 -23.99 -7.00 -19.94
N LEU A 200 -24.11 -7.76 -21.02
CA LEU A 200 -23.89 -9.20 -21.00
C LEU A 200 -22.64 -9.59 -20.23
N ALA A 201 -22.82 -10.51 -19.29
CA ALA A 201 -21.73 -10.97 -18.44
C ALA A 201 -21.18 -12.30 -18.90
N LYS A 202 -19.86 -12.44 -18.78
CA LYS A 202 -19.17 -13.71 -18.88
C LYS A 202 -18.75 -14.14 -17.48
N GLY A 203 -19.13 -15.34 -17.06
CA GLY A 203 -18.75 -15.86 -15.76
C GLY A 203 -19.67 -16.91 -15.17
N SER A 204 -19.77 -16.91 -13.85
CA SER A 204 -20.62 -17.85 -13.16
C SER A 204 -21.03 -17.36 -11.77
N ILE A 205 -22.23 -17.74 -11.36
CA ILE A 205 -22.73 -17.49 -10.03
C ILE A 205 -23.04 -18.82 -9.35
N ASP A 206 -22.16 -19.25 -8.46
CA ASP A 206 -22.34 -20.52 -7.78
C ASP A 206 -23.57 -20.42 -6.87
N GLU A 207 -23.77 -19.24 -6.30
CA GLU A 207 -24.87 -19.06 -5.35
C GLU A 207 -25.30 -17.60 -5.19
N ILE A 208 -26.60 -17.40 -5.16
CA ILE A 208 -27.20 -16.09 -5.00
C ILE A 208 -28.39 -16.20 -4.04
N SER A 209 -28.41 -15.38 -3.01
CA SER A 209 -29.48 -15.41 -2.03
C SER A 209 -30.05 -14.03 -1.83
N LEU A 210 -31.35 -13.96 -1.58
CA LEU A 210 -32.02 -12.68 -1.36
C LEU A 210 -32.86 -12.64 -0.10
N PHE A 211 -32.74 -11.55 0.65
CA PHE A 211 -33.45 -11.38 1.91
C PHE A 211 -34.27 -10.09 1.96
N ASN A 212 -35.50 -10.18 2.44
CA ASN A 212 -36.31 -9.00 2.68
C ASN A 212 -35.95 -8.31 4.00
N LYS A 213 -34.67 -7.98 4.14
CA LYS A 213 -34.19 -7.34 5.35
C LYS A 213 -32.84 -6.72 5.02
N ALA A 214 -32.50 -5.66 5.74
CA ALA A 214 -31.14 -5.13 5.75
C ALA A 214 -30.39 -5.81 6.88
N ILE A 215 -29.60 -6.82 6.55
CA ILE A 215 -28.85 -7.52 7.58
C ILE A 215 -27.77 -6.63 8.22
N SER A 216 -27.57 -6.81 9.52
CA SER A 216 -26.61 -6.01 10.29
C SER A 216 -25.16 -6.29 9.94
N ASP A 217 -24.29 -5.34 10.24
CA ASP A 217 -22.86 -5.51 10.03
C ASP A 217 -22.32 -6.76 10.73
N GLN A 218 -22.73 -6.97 11.98
CA GLN A 218 -22.30 -8.16 12.71
C GLN A 218 -22.77 -9.43 12.01
N GLU A 219 -23.95 -9.38 11.41
CA GLU A 219 -24.47 -10.50 10.65
C GLU A 219 -23.65 -10.73 9.37
N VAL A 220 -23.25 -9.65 8.71
CA VAL A 220 -22.46 -9.76 7.48
C VAL A 220 -21.17 -10.52 7.75
N SER A 221 -20.54 -10.23 8.88
CA SER A 221 -19.27 -10.87 9.21
C SER A 221 -19.39 -12.37 9.56
N THR A 222 -20.61 -12.88 9.69
CA THR A 222 -20.80 -14.31 9.93
C THR A 222 -20.92 -15.10 8.63
N ILE A 223 -20.99 -14.40 7.50
CA ILE A 223 -21.06 -15.07 6.21
C ILE A 223 -19.68 -15.64 5.90
N PRO A 224 -19.62 -16.95 5.63
CA PRO A 224 -18.33 -17.60 5.32
C PRO A 224 -17.72 -17.08 4.03
N LEU A 225 -16.39 -17.05 3.97
CA LEU A 225 -15.70 -16.56 2.79
C LEU A 225 -14.85 -17.67 2.15
N SER A 226 -14.42 -17.44 0.91
CA SER A 226 -13.44 -18.31 0.28
C SER A 226 -12.24 -17.49 -0.20
N ASN A 227 -11.63 -16.71 0.70
CA ASN A 227 -10.60 -15.76 0.28
C ASN A 227 -9.25 -16.40 -0.09
N PRO A 228 -8.64 -15.99 -1.21
CA PRO A 228 -7.30 -16.48 -1.56
C PRO A 228 -6.19 -15.64 -0.89
N PHE A 229 -6.59 -14.65 -0.09
CA PHE A 229 -5.63 -13.73 0.50
C PHE A 229 -5.90 -13.58 1.99
N GLN A 230 -4.96 -12.93 2.68
CA GLN A 230 -5.09 -12.57 4.08
C GLN A 230 -4.81 -11.08 4.21
N LEU A 231 -5.30 -10.47 5.28
CA LEU A 231 -4.86 -9.12 5.64
C LEU A 231 -3.90 -9.20 6.83
N ILE A 232 -2.76 -8.53 6.72
CA ILE A 232 -1.82 -8.36 7.83
C ILE A 232 -2.07 -7.02 8.51
N PHE A 233 -2.22 -5.99 7.68
CA PHE A 233 -2.61 -4.66 8.12
C PHE A 233 -3.99 -4.35 7.54
N GLN A 234 -4.90 -3.84 8.37
CA GLN A 234 -6.25 -3.55 7.88
C GLN A 234 -6.90 -2.36 8.59
N SER A 235 -7.87 -1.72 7.93
CA SER A 235 -8.59 -0.61 8.53
C SER A 235 -9.22 -1.06 9.85
N GLY A 236 -9.02 -0.28 10.92
CA GLY A 236 -9.58 -0.64 12.20
C GLY A 236 -8.67 -1.42 13.15
N ASP A 237 -7.44 -1.71 12.71
CA ASP A 237 -6.47 -2.36 13.60
C ASP A 237 -5.82 -1.32 14.50
N SER A 238 -4.74 -1.70 15.17
CA SER A 238 -4.11 -0.86 16.18
C SER A 238 -3.38 0.36 15.61
N THR A 239 -3.26 0.46 14.29
CA THR A 239 -2.67 1.67 13.72
C THR A 239 -3.69 2.78 13.61
N GLN A 240 -4.95 2.40 13.52
CA GLN A 240 -6.02 3.37 13.30
C GLN A 240 -5.85 4.16 11.99
N ALA A 241 -4.97 3.69 11.11
CA ALA A 241 -4.91 4.23 9.74
C ALA A 241 -5.91 3.51 8.84
N ASN A 242 -6.61 4.27 8.00
CA ASN A 242 -7.59 3.67 7.11
C ASN A 242 -6.95 3.16 5.80
N TYR A 243 -5.66 3.45 5.62
CA TYR A 243 -4.96 3.13 4.37
C TYR A 243 -3.55 2.62 4.60
N PHE A 244 -3.03 1.86 3.64
CA PHE A 244 -1.69 1.29 3.74
C PHE A 244 -0.99 1.26 2.38
N ARG A 245 0.28 1.64 2.37
CA ARG A 245 1.11 1.50 1.17
C ARG A 245 2.52 1.03 1.50
N ILE A 246 3.22 0.55 0.47
CA ILE A 246 4.65 0.31 0.55
C ILE A 246 4.94 -0.86 1.52
N PRO A 247 4.49 -2.07 1.16
CA PRO A 247 4.70 -3.28 1.95
C PRO A 247 6.14 -3.82 1.92
N THR A 248 6.58 -4.45 3.00
CA THR A 248 7.85 -5.16 3.05
C THR A 248 7.68 -6.55 3.70
N LEU A 249 8.59 -7.46 3.39
CA LEU A 249 8.65 -8.77 4.03
C LEU A 249 10.10 -9.14 4.18
N TYR A 250 10.44 -9.84 5.27
CA TYR A 250 11.78 -10.34 5.47
C TYR A 250 11.78 -11.56 6.42
N THR A 251 12.46 -12.62 6.01
CA THR A 251 12.47 -13.83 6.82
C THR A 251 13.66 -13.82 7.81
N LEU A 252 13.33 -13.81 9.10
CA LEU A 252 14.34 -13.81 10.16
C LEU A 252 14.84 -15.23 10.48
N SER A 253 16.09 -15.32 10.93
CA SER A 253 16.74 -16.62 11.22
C SER A 253 15.99 -17.51 12.21
N SER A 254 15.23 -16.92 13.13
CA SER A 254 14.42 -17.70 14.06
C SER A 254 13.22 -18.39 13.38
N GLY A 255 12.88 -17.96 12.17
CA GLY A 255 11.76 -18.56 11.44
C GLY A 255 10.59 -17.58 11.37
N ARG A 256 10.66 -16.57 12.22
CA ARG A 256 9.65 -15.52 12.23
C ARG A 256 9.74 -14.67 10.96
N VAL A 257 8.57 -14.34 10.42
CA VAL A 257 8.53 -13.48 9.24
C VAL A 257 8.01 -12.11 9.63
N LEU A 258 8.78 -11.10 9.28
CA LEU A 258 8.45 -9.73 9.67
C LEU A 258 7.95 -8.94 8.47
N SER A 259 7.03 -8.03 8.73
CA SER A 259 6.55 -7.10 7.72
C SER A 259 6.47 -5.67 8.24
N SER A 260 6.87 -4.73 7.39
CA SER A 260 6.68 -3.31 7.69
C SER A 260 5.90 -2.65 6.55
N ILE A 261 5.31 -1.50 6.86
CA ILE A 261 4.41 -0.85 5.93
C ILE A 261 4.22 0.61 6.31
N ASP A 262 3.88 1.42 5.31
CA ASP A 262 3.38 2.76 5.56
C ASP A 262 1.94 2.66 6.10
N ALA A 263 1.73 3.18 7.31
CA ALA A 263 0.37 3.34 7.80
C ALA A 263 -0.09 4.75 7.41
N ARG A 264 -0.85 4.85 6.33
CA ARG A 264 -1.21 6.16 5.78
C ARG A 264 -2.58 6.67 6.22
N TYR A 265 -2.56 7.81 6.92
CA TYR A 265 -3.75 8.37 7.54
C TYR A 265 -4.55 9.30 6.61
N GLY A 266 -3.84 10.11 5.83
CA GLY A 266 -4.50 11.12 5.02
C GLY A 266 -4.77 10.60 3.61
N GLY A 267 -5.61 9.58 3.50
CA GLY A 267 -5.76 8.86 2.25
C GLY A 267 -4.48 8.10 1.92
N THR A 268 -4.30 7.75 0.66
CA THR A 268 -3.15 6.97 0.24
C THR A 268 -2.01 7.85 -0.30
N HIS A 269 -2.13 9.15 -0.10
CA HIS A 269 -1.15 10.13 -0.56
C HIS A 269 0.26 9.87 0.00
N ASP A 270 1.26 10.02 -0.85
CA ASP A 270 2.66 10.15 -0.40
C ASP A 270 2.75 11.35 0.54
N SER A 271 3.84 11.42 1.31
CA SER A 271 4.21 12.66 1.99
C SER A 271 4.28 13.83 0.98
N LYS A 272 3.84 15.02 1.37
CA LYS A 272 3.42 15.37 2.71
C LYS A 272 2.12 14.69 3.13
N SER A 273 2.02 14.29 4.40
CA SER A 273 0.81 13.66 4.94
C SER A 273 1.04 13.36 6.40
N LYS A 274 0.13 12.62 7.02
CA LYS A 274 0.49 11.85 8.19
C LYS A 274 0.71 10.40 7.79
N ILE A 275 1.89 9.88 8.06
CA ILE A 275 2.18 8.47 7.83
C ILE A 275 3.11 7.97 8.94
N ASN A 276 2.78 6.83 9.55
CA ASN A 276 3.68 6.12 10.45
C ASN A 276 4.17 4.84 9.79
N ILE A 277 5.26 4.28 10.32
CA ILE A 277 5.71 2.97 9.89
C ILE A 277 5.24 1.96 10.91
N ALA A 278 4.51 0.96 10.45
CA ALA A 278 3.97 -0.07 11.33
C ALA A 278 4.58 -1.41 10.99
N THR A 279 4.58 -2.33 11.94
CA THR A 279 5.11 -3.67 11.73
C THR A 279 4.24 -4.77 12.33
N SER A 280 4.35 -5.96 11.75
CA SER A 280 3.68 -7.15 12.27
C SER A 280 4.57 -8.32 11.90
N TYR A 281 4.35 -9.45 12.56
CA TYR A 281 5.12 -10.65 12.30
C TYR A 281 4.25 -11.90 12.40
N SER A 282 4.71 -12.94 11.73
CA SER A 282 4.07 -14.24 11.74
C SER A 282 5.09 -15.29 12.23
N ASP A 283 4.67 -16.12 13.19
CA ASP A 283 5.53 -17.21 13.68
C ASP A 283 5.16 -18.56 13.11
N ASP A 284 4.21 -18.58 12.18
CA ASP A 284 3.71 -19.84 11.63
C ASP A 284 3.71 -19.88 10.12
N ASN A 285 4.80 -19.42 9.50
CA ASN A 285 4.91 -19.43 8.04
C ASN A 285 3.83 -18.63 7.30
N GLY A 286 3.39 -17.54 7.92
CA GLY A 286 2.51 -16.60 7.27
C GLY A 286 1.02 -16.82 7.49
N LYS A 287 0.69 -17.83 8.29
CA LYS A 287 -0.72 -18.19 8.51
C LYS A 287 -1.45 -17.20 9.40
N THR A 288 -0.76 -16.73 10.44
CA THR A 288 -1.34 -15.72 11.31
C THR A 288 -0.34 -14.60 11.55
N TRP A 289 -0.85 -13.44 11.88
CA TRP A 289 -0.01 -12.26 11.99
C TRP A 289 -0.33 -11.53 13.28
N SER A 290 0.69 -11.03 13.95
CA SER A 290 0.50 -10.29 15.19
C SER A 290 -0.21 -8.97 14.92
N GLU A 291 -0.91 -8.49 15.94
CA GLU A 291 -1.44 -7.14 15.94
C GLU A 291 -0.28 -6.16 15.76
N PRO A 292 -0.42 -5.24 14.80
CA PRO A 292 0.69 -4.33 14.45
C PRO A 292 1.09 -3.41 15.58
N ILE A 293 2.37 -3.03 15.61
CA ILE A 293 2.86 -1.96 16.49
C ILE A 293 3.51 -0.92 15.58
N PHE A 294 3.99 0.18 16.14
CA PHE A 294 4.72 1.18 15.36
C PHE A 294 6.22 1.02 15.56
N ALA A 295 6.96 1.07 14.45
CA ALA A 295 8.42 1.14 14.51
C ALA A 295 8.89 2.58 14.50
N MET A 296 8.15 3.45 13.79
CA MET A 296 8.39 4.90 13.80
C MET A 296 7.07 5.66 13.74
N LYS A 297 6.93 6.65 14.62
CA LYS A 297 5.70 7.41 14.66
C LYS A 297 5.91 8.81 15.19
N PHE A 298 5.06 9.72 14.69
CA PHE A 298 5.02 11.06 15.19
C PHE A 298 3.64 11.26 15.79
N ASN A 299 3.52 12.21 16.73
CA ASN A 299 2.27 12.44 17.44
C ASN A 299 1.78 13.87 17.37
N ASP A 300 2.38 14.65 16.47
CA ASP A 300 1.91 16.01 16.24
C ASP A 300 0.45 16.01 15.73
N TYR A 301 0.07 14.96 15.02
CA TYR A 301 -1.32 14.77 14.60
C TYR A 301 -1.88 13.48 15.20
N GLU A 302 -3.17 13.50 15.52
CA GLU A 302 -3.88 12.33 16.02
C GLU A 302 -3.81 11.15 15.04
N GLU A 303 -3.86 9.93 15.57
CA GLU A 303 -4.03 8.75 14.71
C GLU A 303 -5.52 8.57 14.36
N GLN A 304 -6.02 9.39 13.43
CA GLN A 304 -7.43 9.30 13.07
C GLN A 304 -7.69 8.36 11.92
N LEU A 305 -8.78 7.61 12.07
CA LEU A 305 -9.22 6.72 11.04
C LEU A 305 -10.26 7.49 10.23
N VAL A 306 -9.82 8.03 9.11
CA VAL A 306 -10.65 8.95 8.32
C VAL A 306 -11.01 8.39 6.95
N TYR A 307 -12.30 8.47 6.60
CA TYR A 307 -12.73 8.10 5.25
C TYR A 307 -12.46 9.27 4.30
N TRP A 308 -11.37 9.16 3.54
CA TRP A 308 -10.89 10.25 2.71
C TRP A 308 -11.77 10.41 1.46
N PRO A 309 -12.12 11.65 1.13
CA PRO A 309 -13.02 11.90 -0.01
C PRO A 309 -12.43 11.41 -1.33
N ARG A 310 -13.26 10.79 -2.16
CA ARG A 310 -12.82 10.23 -3.43
C ARG A 310 -13.37 11.00 -4.63
N ASP A 311 -14.18 12.02 -4.37
CA ASP A 311 -14.68 12.85 -5.48
C ASP A 311 -13.56 13.72 -6.07
N ASN A 312 -13.73 14.09 -7.33
CA ASN A 312 -12.70 14.83 -8.04
C ASN A 312 -12.39 16.20 -7.44
N LYS A 313 -13.38 16.80 -6.81
CA LYS A 313 -13.16 18.06 -6.14
C LYS A 313 -12.26 17.90 -4.90
N LEU A 314 -12.46 16.85 -4.13
CA LEU A 314 -11.77 16.76 -2.84
C LEU A 314 -10.63 15.74 -2.71
N LYS A 315 -10.56 14.76 -3.60
CA LYS A 315 -9.60 13.65 -3.46
C LYS A 315 -8.12 14.04 -3.34
N ASN A 316 -7.73 15.20 -3.89
CA ASN A 316 -6.37 15.71 -3.74
C ASN A 316 -6.09 16.41 -2.40
N SER A 317 -7.13 16.59 -1.58
CA SER A 317 -6.93 17.03 -0.20
C SER A 317 -5.79 16.19 0.44
N GLN A 318 -4.85 16.89 1.05
CA GLN A 318 -3.62 16.28 1.52
C GLN A 318 -3.24 16.94 2.85
N ILE A 319 -3.00 16.12 3.88
CA ILE A 319 -2.59 16.65 5.19
C ILE A 319 -1.29 17.43 5.05
N SER A 320 -1.29 18.67 5.53
CA SER A 320 -0.25 19.63 5.14
C SER A 320 0.64 20.14 6.26
N GLY A 321 0.26 19.88 7.50
CA GLY A 321 1.03 20.33 8.64
C GLY A 321 1.62 19.21 9.49
N SER A 322 1.48 17.97 9.04
CA SER A 322 1.98 16.82 9.80
C SER A 322 3.40 16.38 9.39
N ALA A 323 4.15 15.87 10.38
CA ALA A 323 5.38 15.14 10.10
C ALA A 323 5.01 13.70 9.72
N SER A 324 5.91 13.02 9.03
CA SER A 324 5.58 11.68 8.56
C SER A 324 6.82 10.83 8.38
N PHE A 325 6.59 9.54 8.20
CA PHE A 325 7.62 8.60 7.72
C PHE A 325 7.11 7.97 6.42
N ILE A 326 8.02 7.45 5.61
CA ILE A 326 7.62 6.86 4.33
C ILE A 326 8.74 5.98 3.80
N ASP A 327 8.37 4.89 3.12
CA ASP A 327 9.34 3.98 2.46
C ASP A 327 10.28 3.26 3.44
N SER A 328 9.79 2.25 4.13
CA SER A 328 10.64 1.49 5.03
C SER A 328 11.37 0.32 4.37
N SER A 329 12.44 -0.13 5.01
CA SER A 329 13.26 -1.22 4.49
C SER A 329 13.84 -2.00 5.68
N ILE A 330 13.84 -3.32 5.56
CA ILE A 330 14.22 -4.20 6.68
C ILE A 330 15.42 -5.05 6.33
N VAL A 331 16.31 -5.23 7.29
CA VAL A 331 17.33 -6.28 7.18
C VAL A 331 17.56 -6.92 8.55
N GLU A 332 18.15 -8.11 8.57
CA GLU A 332 18.57 -8.76 9.81
C GLU A 332 20.09 -8.90 9.89
N ASP A 333 20.66 -8.62 11.06
CA ASP A 333 22.11 -8.72 11.26
C ASP A 333 22.50 -9.98 12.02
N LYS A 334 23.16 -10.90 11.32
CA LYS A 334 23.67 -12.15 11.89
C LYS A 334 24.45 -11.94 13.18
N LYS A 335 25.45 -11.06 13.11
CA LYS A 335 26.37 -10.82 14.21
C LYS A 335 25.69 -10.41 15.50
N SER A 336 24.87 -9.37 15.43
CA SER A 336 24.25 -8.81 16.63
C SER A 336 22.95 -9.53 16.96
N GLY A 337 22.36 -10.17 15.97
CA GLY A 337 20.99 -10.65 16.09
C GLY A 337 19.93 -9.55 15.96
N LYS A 338 20.34 -8.29 15.83
CA LYS A 338 19.39 -7.18 15.66
C LYS A 338 18.58 -7.27 14.36
N THR A 339 17.33 -6.86 14.44
CA THR A 339 16.59 -6.51 13.25
C THR A 339 16.74 -5.00 13.07
N ILE A 340 17.00 -4.59 11.83
CA ILE A 340 17.20 -3.18 11.49
C ILE A 340 16.21 -2.69 10.45
N LEU A 341 15.58 -1.57 10.75
CA LEU A 341 14.62 -0.96 9.86
C LEU A 341 14.98 0.51 9.63
N LEU A 342 15.04 0.90 8.36
CA LEU A 342 15.22 2.29 7.98
C LEU A 342 13.94 2.78 7.31
N ALA A 343 13.74 4.09 7.35
CA ALA A 343 12.64 4.72 6.62
C ALA A 343 13.00 6.17 6.39
N ASP A 344 12.37 6.81 5.41
CA ASP A 344 12.50 8.26 5.26
C ASP A 344 11.72 9.00 6.36
N VAL A 345 12.26 10.12 6.80
CA VAL A 345 11.63 10.95 7.80
C VAL A 345 11.39 12.36 7.23
N MET A 346 10.14 12.83 7.30
CA MET A 346 9.75 14.15 6.81
C MET A 346 9.27 15.04 7.95
N PRO A 347 9.88 16.23 8.11
CA PRO A 347 9.32 17.23 9.02
C PRO A 347 7.97 17.69 8.52
N ALA A 348 7.26 18.45 9.36
CA ALA A 348 5.90 18.90 9.09
C ALA A 348 5.73 19.48 7.68
N GLY A 349 4.82 18.89 6.91
CA GLY A 349 4.45 19.40 5.61
C GLY A 349 5.40 19.11 4.45
N ILE A 350 6.46 18.35 4.71
CA ILE A 350 7.45 18.08 3.66
C ILE A 350 7.21 16.73 2.98
N GLY A 351 7.42 16.72 1.66
CA GLY A 351 7.44 15.52 0.85
C GLY A 351 8.56 15.67 -0.15
N ASN A 352 8.63 14.81 -1.17
CA ASN A 352 9.80 14.84 -2.06
C ASN A 352 9.83 16.01 -3.07
N ASN A 353 8.74 16.77 -3.11
CA ASN A 353 8.58 17.88 -4.06
C ASN A 353 8.93 19.27 -3.53
N ASN A 354 8.81 19.43 -2.21
CA ASN A 354 9.17 20.67 -1.55
C ASN A 354 10.37 20.51 -0.62
N ALA A 355 10.89 19.28 -0.52
CA ALA A 355 12.07 19.01 0.31
C ALA A 355 13.20 19.92 -0.12
N ASN A 356 13.56 20.83 0.79
CA ASN A 356 14.68 21.74 0.61
C ASN A 356 15.86 21.00 0.00
N LYS A 357 16.03 21.15 -1.30
CA LYS A 357 17.23 20.70 -1.97
C LYS A 357 18.31 21.73 -1.66
N ALA A 358 19.57 21.37 -1.86
CA ALA A 358 20.72 22.24 -1.56
C ALA A 358 21.01 22.40 -0.06
N ASP A 359 20.41 21.53 0.77
CA ASP A 359 20.66 21.56 2.21
C ASP A 359 20.50 20.17 2.83
N SER A 360 21.56 19.69 3.46
CA SER A 360 21.53 18.39 4.15
C SER A 360 20.82 18.45 5.50
N GLY A 361 20.72 19.65 6.07
CA GLY A 361 20.11 19.80 7.38
C GLY A 361 21.08 19.60 8.52
N PHE A 362 22.30 19.18 8.17
CA PHE A 362 23.38 19.09 9.15
C PHE A 362 24.47 20.11 8.83
N LYS A 363 25.16 20.56 9.87
CA LYS A 363 26.36 21.36 9.75
C LYS A 363 27.57 20.49 10.02
N GLU A 364 28.54 20.51 9.11
CA GLU A 364 29.80 19.83 9.33
C GLU A 364 30.78 20.74 10.05
N ILE A 365 31.24 20.30 11.20
CA ILE A 365 32.21 21.03 11.98
C ILE A 365 33.38 20.10 12.23
N ASN A 366 34.51 20.42 11.60
CA ASN A 366 35.69 19.56 11.56
C ASN A 366 35.41 18.05 11.55
N GLY A 367 34.84 17.56 10.46
CA GLY A 367 34.59 16.14 10.28
C GLY A 367 33.27 15.67 10.86
N HIS A 368 32.67 16.49 11.72
CA HIS A 368 31.47 16.08 12.44
C HIS A 368 30.19 16.75 11.96
N TYR A 369 29.15 15.96 11.77
CA TYR A 369 27.87 16.50 11.33
C TYR A 369 26.92 16.76 12.49
N TYR A 370 26.42 17.99 12.60
CA TYR A 370 25.44 18.29 13.64
C TYR A 370 24.13 18.80 13.07
N LEU A 371 23.04 18.30 13.61
CA LEU A 371 21.70 18.70 13.18
C LEU A 371 21.47 20.19 13.45
N LYS A 372 21.08 20.92 12.42
CA LYS A 372 20.78 22.36 12.53
C LYS A 372 19.36 22.61 13.04
N LEU A 373 19.17 23.74 13.72
CA LEU A 373 17.85 24.15 14.18
C LEU A 373 17.57 25.64 13.98
N LYS A 374 16.34 25.97 13.65
CA LYS A 374 15.88 27.35 13.60
C LYS A 374 14.94 27.62 14.77
N LYS A 375 15.21 28.70 15.50
CA LYS A 375 14.33 29.11 16.59
C LYS A 375 13.27 30.07 16.05
N ASN A 376 12.03 29.90 16.51
CA ASN A 376 10.92 30.76 16.09
C ASN A 376 11.25 32.24 16.29
N GLY A 377 11.13 33.03 15.21
CA GLY A 377 11.45 34.44 15.29
C GLY A 377 12.73 34.82 14.56
N ASP A 378 13.63 33.86 14.39
CA ASP A 378 14.81 34.06 13.55
C ASP A 378 14.48 33.61 12.12
N ASN A 379 15.08 34.26 11.14
CA ASN A 379 14.81 33.89 9.75
C ASN A 379 15.88 32.94 9.22
N ASP A 380 16.91 32.73 10.04
CA ASP A 380 18.01 31.86 9.67
C ASP A 380 18.16 30.73 10.69
N PHE A 381 18.99 29.73 10.37
CA PHE A 381 19.28 28.61 11.26
C PHE A 381 20.51 28.90 12.13
N ARG A 382 20.29 29.30 13.38
CA ARG A 382 21.40 29.74 14.24
C ARG A 382 21.91 28.68 15.20
N TYR A 383 21.31 27.50 15.15
CA TYR A 383 21.59 26.53 16.19
C TYR A 383 22.00 25.18 15.63
N THR A 384 22.68 24.40 16.44
CA THR A 384 23.06 23.03 16.11
C THR A 384 22.87 22.19 17.35
N VAL A 385 22.58 20.90 17.15
CA VAL A 385 22.43 19.99 18.25
C VAL A 385 23.75 19.28 18.43
N ARG A 386 24.45 19.62 19.51
CA ARG A 386 25.77 19.06 19.77
C ARG A 386 25.66 17.86 20.66
N GLU A 387 26.80 17.43 21.19
CA GLU A 387 26.86 16.27 22.07
C GLU A 387 25.92 16.40 23.25
N ASN A 388 25.32 15.27 23.65
CA ASN A 388 24.34 15.21 24.73
C ASN A 388 23.09 16.06 24.50
N GLY A 389 22.81 16.35 23.23
CA GLY A 389 21.61 17.07 22.86
C GLY A 389 21.66 18.54 23.19
N VAL A 390 22.85 19.07 23.46
CA VAL A 390 22.96 20.47 23.85
C VAL A 390 22.68 21.38 22.67
N VAL A 391 21.68 22.23 22.81
CA VAL A 391 21.35 23.18 21.75
C VAL A 391 22.29 24.37 21.83
N TYR A 392 23.16 24.47 20.83
CA TYR A 392 24.26 25.41 20.82
C TYR A 392 24.02 26.54 19.81
N ASN A 393 24.16 27.78 20.27
CA ASN A 393 23.95 28.94 19.41
C ASN A 393 25.19 29.26 18.56
N GLU A 394 25.13 28.94 17.27
CA GLU A 394 26.26 29.13 16.36
C GLU A 394 26.64 30.60 16.18
N THR A 395 25.73 31.49 16.51
CA THR A 395 26.00 32.92 16.36
C THR A 395 26.75 33.49 17.56
N THR A 396 26.29 33.20 18.77
CA THR A 396 26.97 33.64 19.98
C THR A 396 28.03 32.65 20.43
N ASN A 397 28.07 31.48 19.78
CA ASN A 397 29.01 30.43 20.15
C ASN A 397 28.92 30.01 21.60
N LYS A 398 27.71 30.02 22.15
CA LYS A 398 27.49 29.58 23.51
C LYS A 398 26.42 28.50 23.47
N PRO A 399 26.38 27.63 24.48
CA PRO A 399 25.24 26.73 24.61
C PRO A 399 24.05 27.46 25.19
N THR A 400 22.85 26.91 25.01
CA THR A 400 21.65 27.50 25.58
C THR A 400 21.19 26.65 26.74
N ASN A 401 20.04 26.99 27.29
CA ASN A 401 19.45 26.18 28.34
C ASN A 401 18.60 25.02 27.76
N TYR A 402 18.61 24.88 26.43
CA TYR A 402 17.81 23.86 25.76
C TYR A 402 18.59 22.62 25.40
N THR A 403 17.94 21.48 25.52
CA THR A 403 18.49 20.20 25.07
C THR A 403 17.50 19.48 24.15
N ILE A 404 18.04 18.63 23.28
CA ILE A 404 17.23 17.73 22.48
C ILE A 404 17.43 16.31 23.00
N ASN A 405 16.35 15.61 23.30
CA ASN A 405 16.50 14.24 23.81
C ASN A 405 16.58 13.19 22.70
N ASP A 406 16.45 11.92 23.10
CA ASP A 406 16.64 10.82 22.17
C ASP A 406 15.52 10.70 21.17
N LYS A 407 14.34 11.19 21.55
CA LYS A 407 13.17 11.11 20.70
C LYS A 407 13.00 12.39 19.88
N TYR A 408 14.06 13.19 19.86
CA TYR A 408 14.10 14.49 19.17
C TYR A 408 13.11 15.48 19.76
N GLU A 409 12.89 15.36 21.08
CA GLU A 409 12.00 16.25 21.82
C GLU A 409 12.78 17.38 22.51
N VAL A 410 12.13 18.52 22.68
CA VAL A 410 12.78 19.71 23.19
C VAL A 410 12.59 19.87 24.69
N LEU A 411 13.69 20.05 25.41
CA LEU A 411 13.63 20.29 26.84
C LEU A 411 14.26 21.64 27.17
N GLU A 412 13.74 22.29 28.21
CA GLU A 412 14.33 23.53 28.68
C GLU A 412 14.63 23.36 30.15
N GLY A 413 15.92 23.49 30.49
CA GLY A 413 16.39 23.23 31.84
C GLY A 413 15.93 21.87 32.33
N GLY A 414 15.89 20.89 31.42
CA GLY A 414 15.46 19.55 31.76
C GLY A 414 13.96 19.36 31.85
N LYS A 415 13.21 20.44 31.70
CA LYS A 415 11.76 20.31 31.70
C LYS A 415 11.27 20.03 30.28
N SER A 416 10.35 19.09 30.16
CA SER A 416 9.83 18.71 28.85
C SER A 416 8.85 19.76 28.33
N LEU A 417 9.09 20.26 27.12
CA LEU A 417 8.16 21.20 26.49
C LEU A 417 7.09 20.47 25.68
N THR A 418 5.94 21.11 25.51
CA THR A 418 4.83 20.50 24.77
C THR A 418 4.24 21.40 23.69
N VAL A 419 3.58 20.76 22.71
CA VAL A 419 2.72 21.47 21.77
C VAL A 419 1.35 20.82 21.81
N GLU A 420 0.36 21.51 21.24
CA GLU A 420 -0.99 20.98 21.13
C GLU A 420 -1.09 20.15 19.85
N GLN A 421 -1.78 19.03 19.94
CA GLN A 421 -1.94 18.11 18.81
C GLN A 421 -2.98 18.63 17.82
N TYR A 422 -2.85 18.20 16.56
CA TYR A 422 -3.82 18.55 15.53
C TYR A 422 -4.69 17.37 15.18
N SER A 423 -5.96 17.65 14.89
CA SER A 423 -6.79 16.68 14.22
C SER A 423 -7.25 17.22 12.86
N VAL A 424 -7.66 16.32 11.98
CA VAL A 424 -8.15 16.69 10.67
C VAL A 424 -9.63 16.37 10.56
N ASP A 425 -10.37 17.14 9.77
CA ASP A 425 -11.77 16.82 9.47
C ASP A 425 -12.25 17.47 8.17
N PHE A 426 -13.38 16.95 7.67
CA PHE A 426 -13.99 17.44 6.44
C PHE A 426 -15.38 18.04 6.69
N ASP A 427 -15.69 18.31 7.96
CA ASP A 427 -17.02 18.74 8.38
C ASP A 427 -17.52 20.00 7.71
N SER A 428 -16.60 20.85 7.27
CA SER A 428 -16.97 22.13 6.72
C SER A 428 -16.96 22.09 5.19
N GLY A 429 -16.66 20.94 4.62
CA GLY A 429 -16.70 20.78 3.17
C GLY A 429 -15.36 20.96 2.49
N SER A 430 -14.32 21.10 3.29
CA SER A 430 -12.95 21.07 2.80
C SER A 430 -12.06 20.55 3.92
N LEU A 431 -10.82 20.17 3.60
CA LEU A 431 -9.93 19.63 4.63
C LEU A 431 -9.57 20.70 5.66
N ARG A 432 -9.74 20.38 6.93
CA ARG A 432 -9.36 21.30 8.00
C ARG A 432 -8.39 20.59 8.95
N GLU A 433 -7.29 21.26 9.27
CA GLU A 433 -6.32 20.73 10.22
C GLU A 433 -6.31 21.66 11.44
N ARG A 434 -6.73 21.15 12.60
CA ARG A 434 -6.85 22.01 13.78
C ARG A 434 -6.49 21.39 15.12
N HIS A 435 -5.96 22.24 16.00
CA HIS A 435 -5.66 21.88 17.38
C HIS A 435 -6.83 21.20 18.08
N ASN A 436 -6.56 20.07 18.72
CA ASN A 436 -7.63 19.24 19.27
C ASN A 436 -7.75 19.29 20.79
N GLY A 437 -6.99 20.14 21.43
CA GLY A 437 -7.07 20.28 22.87
C GLY A 437 -6.11 19.47 23.75
N LYS A 438 -5.30 18.58 23.17
CA LYS A 438 -4.39 17.79 24.01
C LYS A 438 -2.91 18.11 23.79
N GLN A 439 -2.11 17.90 24.84
CA GLN A 439 -0.70 18.23 24.81
C GLN A 439 0.17 17.03 24.47
N VAL A 440 1.15 17.24 23.60
CA VAL A 440 2.14 16.21 23.29
C VAL A 440 3.56 16.79 23.42
N PRO A 441 4.57 15.92 23.63
CA PRO A 441 5.95 16.41 23.67
C PRO A 441 6.36 17.18 22.41
N MET A 442 6.84 18.40 22.59
CA MET A 442 7.40 19.19 21.50
C MET A 442 8.59 18.52 20.82
N ASN A 443 8.46 18.23 19.53
CA ASN A 443 9.46 17.51 18.76
C ASN A 443 9.96 18.42 17.65
N VAL A 444 11.27 18.44 17.39
CA VAL A 444 11.83 19.34 16.38
C VAL A 444 11.40 19.09 14.94
N PHE A 445 10.67 18.00 14.71
CA PHE A 445 10.09 17.74 13.39
C PHE A 445 8.68 18.32 13.24
N TYR A 446 8.14 18.89 14.32
CA TYR A 446 6.76 19.35 14.36
C TYR A 446 6.58 20.78 13.81
N LYS A 447 5.36 21.08 13.35
CA LYS A 447 5.06 22.43 12.88
C LYS A 447 5.11 23.47 14.00
N ASP A 448 4.69 23.08 15.19
CA ASP A 448 4.53 24.02 16.32
C ASP A 448 5.77 24.16 17.20
N SER A 449 6.82 23.42 16.89
CA SER A 449 8.00 23.31 17.73
C SER A 449 8.75 24.63 17.86
N LEU A 450 9.15 24.97 19.08
CA LEU A 450 10.01 26.14 19.31
C LEU A 450 11.31 26.09 18.49
N PHE A 451 11.91 24.91 18.39
CA PHE A 451 13.10 24.72 17.55
C PHE A 451 12.79 23.76 16.40
N LYS A 452 13.23 24.10 15.19
CA LYS A 452 12.84 23.31 14.02
C LYS A 452 13.98 22.89 13.12
N VAL A 453 13.85 21.66 12.61
CA VAL A 453 14.84 21.12 11.69
C VAL A 453 14.65 21.73 10.31
N THR A 454 15.66 21.57 9.47
CA THR A 454 15.61 22.00 8.08
C THR A 454 14.54 21.23 7.32
N PRO A 455 13.67 21.96 6.62
CA PRO A 455 12.60 21.31 5.84
C PRO A 455 13.14 20.52 4.65
N THR A 456 13.75 19.38 4.92
CA THR A 456 14.24 18.50 3.87
C THR A 456 13.96 17.04 4.22
N ASN A 457 14.43 16.13 3.36
CA ASN A 457 14.24 14.70 3.56
C ASN A 457 15.41 14.06 4.33
N TYR A 458 15.06 13.29 5.36
CA TYR A 458 16.05 12.63 6.21
C TYR A 458 15.88 11.10 6.11
N ILE A 459 16.89 10.36 6.56
CA ILE A 459 16.75 8.93 6.73
C ILE A 459 17.01 8.56 8.19
N ALA A 460 16.20 7.69 8.76
CA ALA A 460 16.45 7.24 10.13
C ALA A 460 16.45 5.73 10.22
N MET A 461 17.11 5.22 11.24
CA MET A 461 17.13 3.80 11.51
C MET A 461 16.65 3.54 12.94
N THR A 462 15.91 2.45 13.08
CA THR A 462 15.55 1.92 14.39
C THR A 462 16.01 0.47 14.39
N THR A 463 16.25 -0.06 15.57
CA THR A 463 16.64 -1.46 15.70
C THR A 463 15.69 -2.18 16.63
N SER A 464 15.54 -3.48 16.42
CA SER A 464 14.83 -4.31 17.39
C SER A 464 15.77 -5.38 17.96
N GLN A 465 15.67 -5.61 19.26
CA GLN A 465 16.44 -6.68 19.87
C GLN A 465 15.59 -7.93 20.06
N ASN A 466 14.28 -7.83 19.84
CA ASN A 466 13.41 -8.97 20.10
C ASN A 466 12.60 -9.33 18.85
N ARG A 467 13.25 -9.16 17.69
CA ARG A 467 12.68 -9.56 16.40
C ARG A 467 11.29 -8.99 16.14
N GLY A 468 11.08 -7.72 16.51
CA GLY A 468 9.91 -7.00 16.10
C GLY A 468 8.83 -6.85 17.15
N GLU A 469 9.10 -7.31 18.37
CA GLU A 469 8.17 -7.14 19.47
C GLU A 469 8.19 -5.71 19.99
N SER A 470 9.35 -5.06 19.88
CA SER A 470 9.45 -3.65 20.18
C SER A 470 10.57 -3.01 19.36
N TRP A 471 10.47 -1.70 19.18
CA TRP A 471 11.40 -0.94 18.37
C TRP A 471 12.00 0.18 19.20
N GLU A 472 13.31 0.34 19.10
CA GLU A 472 14.01 1.44 19.73
C GLU A 472 13.58 2.75 19.09
N GLN A 473 13.65 3.82 19.87
CA GLN A 473 13.59 5.17 19.34
C GLN A 473 14.56 5.34 18.16
N PHE A 474 14.04 5.84 17.04
CA PHE A 474 14.85 5.95 15.83
C PHE A 474 15.94 7.00 15.97
N LYS A 475 17.01 6.82 15.19
CA LYS A 475 18.03 7.86 15.09
C LYS A 475 18.24 8.19 13.63
N LEU A 476 18.37 9.49 13.34
CA LEU A 476 18.69 9.95 11.99
C LEU A 476 20.07 9.49 11.57
N LEU A 477 20.22 9.12 10.30
CA LEU A 477 21.53 8.88 9.71
C LEU A 477 22.19 10.20 9.29
N PRO A 478 23.53 10.26 9.34
CA PRO A 478 24.28 11.44 8.91
C PRO A 478 24.19 11.66 7.40
N PRO A 479 24.53 12.87 6.92
CA PRO A 479 24.53 13.09 5.48
C PRO A 479 25.68 12.30 4.82
N PHE A 480 25.45 11.86 3.58
CA PHE A 480 26.45 11.07 2.85
C PHE A 480 26.96 11.80 1.62
N LEU A 481 26.17 12.73 1.09
CA LEU A 481 26.53 13.45 -0.13
C LEU A 481 26.93 14.88 0.15
N GLY A 482 27.54 15.11 1.31
CA GLY A 482 27.99 16.44 1.68
C GLY A 482 26.99 17.26 2.46
N GLU A 483 27.47 18.40 2.93
CA GLU A 483 26.73 19.30 3.80
C GLU A 483 25.69 20.15 3.04
N LYS A 484 26.01 20.52 1.81
CA LYS A 484 25.15 21.42 1.04
C LYS A 484 24.27 20.66 0.06
N HIS A 485 23.98 19.40 0.38
CA HIS A 485 23.16 18.53 -0.48
C HIS A 485 22.12 17.74 0.32
N ASN A 486 20.85 17.83 -0.12
CA ASN A 486 19.75 17.08 0.48
C ASN A 486 19.96 15.58 0.37
N GLY A 487 19.46 14.83 1.36
CA GLY A 487 19.74 13.42 1.48
C GLY A 487 19.21 12.56 0.34
N THR A 488 19.50 11.27 0.37
CA THR A 488 18.91 10.37 -0.61
C THR A 488 17.56 9.88 -0.15
N TYR A 489 16.90 9.06 -0.97
CA TYR A 489 15.64 8.43 -0.60
C TYR A 489 15.80 6.91 -0.50
N LEU A 490 15.34 6.35 0.60
CA LEU A 490 15.49 4.91 0.83
C LEU A 490 14.66 4.08 -0.14
N CYS A 491 15.25 3.01 -0.66
CA CYS A 491 14.51 2.07 -1.50
C CYS A 491 13.69 1.12 -0.62
N PRO A 492 12.36 1.20 -0.74
CA PRO A 492 11.53 0.40 0.17
C PRO A 492 11.63 -1.08 -0.14
N GLY A 493 11.56 -1.90 0.91
CA GLY A 493 11.61 -3.33 0.77
C GLY A 493 12.53 -3.97 1.77
N GLN A 494 13.63 -4.51 1.27
CA GLN A 494 14.59 -5.22 2.09
C GLN A 494 15.98 -4.61 1.93
N GLY A 495 16.73 -4.57 3.02
CA GLY A 495 18.17 -4.36 2.95
C GLY A 495 18.79 -5.67 2.49
N LEU A 496 20.11 -5.71 2.34
CA LEU A 496 20.75 -6.97 2.01
C LEU A 496 21.80 -7.38 3.04
N ALA A 497 21.62 -8.59 3.56
CA ALA A 497 22.58 -9.21 4.47
C ALA A 497 23.41 -10.18 3.66
N LEU A 498 24.65 -9.80 3.34
CA LEU A 498 25.56 -10.70 2.63
C LEU A 498 25.77 -11.99 3.42
N LYS A 499 25.67 -13.11 2.72
CA LYS A 499 25.66 -14.43 3.34
C LYS A 499 26.97 -14.74 4.04
N SER A 500 28.07 -14.29 3.46
CA SER A 500 29.39 -14.70 3.92
C SER A 500 30.18 -13.61 4.64
N SER A 501 29.48 -12.65 5.22
CA SER A 501 30.15 -11.67 6.08
C SER A 501 29.20 -10.94 7.02
N ASN A 502 29.68 -9.84 7.58
CA ASN A 502 28.85 -9.02 8.44
C ASN A 502 28.38 -7.77 7.69
N ARG A 503 28.48 -7.79 6.37
CA ARG A 503 28.15 -6.61 5.58
C ARG A 503 26.66 -6.38 5.43
N LEU A 504 26.22 -5.18 5.78
CA LEU A 504 24.84 -4.74 5.58
C LEU A 504 24.73 -3.63 4.51
N ILE A 505 23.79 -3.79 3.59
CA ILE A 505 23.59 -2.83 2.50
C ILE A 505 22.14 -2.41 2.33
N PHE A 506 21.86 -1.12 2.50
CA PHE A 506 20.59 -0.57 2.09
C PHE A 506 20.77 0.28 0.84
N ALA A 507 19.99 0.00 -0.20
CA ALA A 507 19.91 0.84 -1.39
C ALA A 507 19.09 2.10 -1.11
N THR A 508 19.54 3.21 -1.69
CA THR A 508 18.81 4.47 -1.66
C THR A 508 19.03 5.17 -3.01
N TYR A 509 18.18 6.13 -3.35
CA TYR A 509 18.35 6.82 -4.63
C TYR A 509 18.29 8.33 -4.49
N THR A 510 18.91 8.99 -5.47
CA THR A 510 18.78 10.42 -5.68
C THR A 510 18.93 10.61 -7.18
N SER A 511 18.97 11.86 -7.64
CA SER A 511 19.10 12.11 -9.08
C SER A 511 20.43 11.60 -9.65
N GLY A 512 20.34 10.75 -10.68
CA GLY A 512 21.50 10.30 -11.43
C GLY A 512 22.37 9.18 -10.86
N GLU A 513 21.95 8.57 -9.76
CA GLU A 513 22.73 7.51 -9.14
C GLU A 513 21.94 6.74 -8.10
N LEU A 514 22.32 5.48 -7.92
CA LEU A 514 21.94 4.76 -6.72
C LEU A 514 23.08 4.93 -5.73
N THR A 515 22.72 5.22 -4.49
CA THR A 515 23.68 5.37 -3.42
C THR A 515 23.46 4.24 -2.42
N TYR A 516 24.38 3.28 -2.37
CA TYR A 516 24.25 2.18 -1.43
C TYR A 516 24.83 2.55 -0.07
N LEU A 517 24.06 2.29 0.99
CA LEU A 517 24.57 2.51 2.35
C LEU A 517 25.16 1.20 2.90
N ILE A 518 26.42 1.25 3.29
CA ILE A 518 27.15 0.06 3.66
C ILE A 518 27.62 0.12 5.13
N SER A 519 27.32 -0.95 5.87
CA SER A 519 27.76 -1.08 7.26
C SER A 519 28.34 -2.48 7.51
N ASP A 520 29.48 -2.52 8.19
CA ASP A 520 30.12 -3.78 8.53
C ASP A 520 30.19 -3.96 10.05
N ASP A 521 29.49 -3.10 10.77
CA ASP A 521 29.51 -3.11 12.23
C ASP A 521 28.09 -3.01 12.81
N SER A 522 27.19 -3.80 12.25
CA SER A 522 25.81 -3.90 12.75
C SER A 522 24.99 -2.60 12.66
N GLY A 523 25.32 -1.74 11.70
CA GLY A 523 24.53 -0.53 11.52
C GLY A 523 24.96 0.61 12.43
N GLN A 524 26.06 0.43 13.15
CA GLN A 524 26.62 1.53 13.93
C GLN A 524 27.17 2.65 13.04
N THR A 525 27.85 2.27 11.97
CA THR A 525 28.41 3.27 11.07
C THR A 525 28.13 2.86 9.64
N TRP A 526 27.99 3.86 8.77
CA TRP A 526 27.63 3.62 7.37
C TRP A 526 28.56 4.39 6.48
N LYS A 527 28.88 3.80 5.33
CA LYS A 527 29.61 4.51 4.29
C LYS A 527 28.78 4.39 3.04
N LYS A 528 29.01 5.30 2.09
CA LYS A 528 28.22 5.27 0.87
C LYS A 528 29.02 4.69 -0.28
N SER A 529 28.32 4.05 -1.19
CA SER A 529 28.93 3.60 -2.44
C SER A 529 28.03 4.04 -3.58
N SER A 530 28.54 4.96 -4.40
CA SER A 530 27.73 5.55 -5.48
C SER A 530 27.82 4.76 -6.78
N ALA A 531 26.67 4.55 -7.40
CA ALA A 531 26.64 3.92 -8.72
C ALA A 531 25.76 4.74 -9.66
N SER A 532 26.39 5.25 -10.71
CA SER A 532 25.74 6.16 -11.64
C SER A 532 24.70 5.45 -12.51
N ILE A 533 23.55 6.09 -12.71
CA ILE A 533 22.53 5.56 -13.60
C ILE A 533 22.18 6.60 -14.68
N PRO A 534 21.81 6.12 -15.89
CA PRO A 534 21.63 7.03 -17.03
C PRO A 534 20.30 7.76 -17.04
N PHE A 535 19.97 8.39 -15.93
CA PHE A 535 18.70 9.10 -15.81
C PHE A 535 18.94 10.35 -15.00
N LYS A 536 18.09 11.33 -15.19
CA LYS A 536 18.00 12.41 -14.23
C LYS A 536 16.66 12.25 -13.52
N ASN A 537 16.65 12.60 -12.23
CA ASN A 537 15.43 12.68 -11.42
C ASN A 537 14.46 11.50 -11.52
N ALA A 538 15.00 10.31 -11.33
CA ALA A 538 14.16 9.12 -11.36
C ALA A 538 13.69 8.79 -9.95
N THR A 539 12.69 7.92 -9.87
CA THR A 539 12.36 7.24 -8.63
C THR A 539 12.97 5.86 -8.78
N ALA A 540 14.27 5.76 -8.55
CA ALA A 540 14.98 4.54 -8.89
C ALA A 540 14.95 3.52 -7.75
N GLU A 541 13.76 3.01 -7.47
CA GLU A 541 13.58 2.08 -6.36
C GLU A 541 14.27 0.75 -6.69
N ALA A 542 15.29 0.44 -5.89
CA ALA A 542 16.16 -0.67 -6.19
C ALA A 542 16.07 -1.73 -5.11
N GLN A 543 16.04 -2.99 -5.52
CA GLN A 543 16.16 -4.13 -4.61
C GLN A 543 17.27 -5.09 -5.05
N MET A 544 17.99 -5.68 -4.09
CA MET A 544 19.20 -6.49 -4.40
C MET A 544 19.04 -7.99 -4.17
N VAL A 545 19.81 -8.79 -4.89
CA VAL A 545 20.00 -10.20 -4.55
C VAL A 545 21.47 -10.56 -4.64
N GLU A 546 21.89 -11.53 -3.84
CA GLU A 546 23.23 -12.07 -3.91
C GLU A 546 23.16 -13.35 -4.78
N LEU A 547 23.68 -13.27 -6.01
CA LEU A 547 23.67 -14.44 -6.90
C LEU A 547 24.62 -15.54 -6.39
N ARG A 548 25.70 -15.11 -5.75
CA ARG A 548 26.64 -16.00 -5.07
C ARG A 548 27.55 -15.09 -4.24
N ASP A 549 28.44 -15.67 -3.44
CA ASP A 549 29.22 -14.87 -2.48
C ASP A 549 29.95 -13.68 -3.12
N GLY A 550 29.72 -12.48 -2.58
CA GLY A 550 30.34 -11.27 -3.09
C GLY A 550 29.72 -10.66 -4.33
N VAL A 551 28.78 -11.39 -4.96
CA VAL A 551 28.17 -10.98 -6.23
C VAL A 551 26.73 -10.48 -6.09
N ILE A 552 26.54 -9.17 -6.20
CA ILE A 552 25.23 -8.57 -6.02
C ILE A 552 24.60 -8.09 -7.33
N ARG A 553 23.39 -8.55 -7.63
CA ARG A 553 22.63 -7.94 -8.72
C ARG A 553 21.49 -7.12 -8.15
N THR A 554 21.42 -5.87 -8.60
CA THR A 554 20.38 -4.95 -8.15
C THR A 554 19.39 -4.70 -9.27
N PHE A 555 18.09 -4.85 -8.97
CA PHE A 555 17.05 -4.55 -9.93
C PHE A 555 16.36 -3.27 -9.51
N PHE A 556 16.19 -2.36 -10.47
CA PHE A 556 15.56 -1.09 -10.12
C PHE A 556 14.61 -0.54 -11.17
N ARG A 557 13.73 0.33 -10.68
CA ARG A 557 12.68 0.97 -11.46
C ARG A 557 13.30 2.10 -12.25
N THR A 558 12.89 2.26 -13.51
CA THR A 558 13.43 3.32 -14.37
C THR A 558 12.34 4.20 -14.96
N THR A 559 12.71 5.06 -15.89
CA THR A 559 11.71 5.80 -16.66
C THR A 559 11.63 5.36 -18.12
N THR A 560 12.14 4.17 -18.42
CA THR A 560 12.24 3.68 -19.80
C THR A 560 11.18 2.66 -20.26
N GLY A 561 10.32 2.20 -19.35
CA GLY A 561 9.42 1.09 -19.65
C GLY A 561 10.02 -0.29 -19.38
N LYS A 562 11.31 -0.32 -19.02
CA LYS A 562 11.95 -1.59 -18.66
C LYS A 562 12.66 -1.52 -17.30
N ILE A 563 12.59 -2.62 -16.56
CA ILE A 563 13.36 -2.77 -15.34
C ILE A 563 14.83 -2.90 -15.66
N ALA A 564 15.65 -2.17 -14.91
CA ALA A 564 17.10 -2.21 -15.07
C ALA A 564 17.77 -3.07 -14.01
N TYR A 565 19.03 -3.39 -14.29
CA TYR A 565 19.88 -4.02 -13.30
C TYR A 565 21.34 -3.61 -13.48
N MET A 566 22.10 -3.68 -12.39
CA MET A 566 23.55 -3.50 -12.40
C MET A 566 24.17 -4.56 -11.51
N THR A 567 25.49 -4.73 -11.57
CA THR A 567 26.17 -5.82 -10.89
C THR A 567 27.45 -5.38 -10.16
N SER A 568 27.55 -5.79 -8.90
CA SER A 568 28.76 -5.63 -8.11
C SER A 568 29.39 -7.00 -7.88
N ARG A 569 30.71 -7.09 -8.02
CA ARG A 569 31.40 -8.35 -7.79
C ARG A 569 32.37 -8.26 -6.62
N ASP A 570 32.23 -7.23 -5.81
CA ASP A 570 33.13 -7.00 -4.68
C ASP A 570 32.34 -6.56 -3.46
N SER A 571 31.19 -7.19 -3.26
CA SER A 571 30.33 -6.91 -2.12
C SER A 571 29.86 -5.46 -2.07
N GLY A 572 29.59 -4.88 -3.23
CA GLY A 572 29.02 -3.55 -3.30
C GLY A 572 30.01 -2.41 -3.24
N GLU A 573 31.31 -2.70 -3.40
CA GLU A 573 32.32 -1.64 -3.41
C GLU A 573 32.21 -0.83 -4.69
N THR A 574 32.10 -1.54 -5.83
CA THR A 574 31.99 -0.92 -7.14
C THR A 574 30.85 -1.51 -7.98
N TRP A 575 30.34 -0.73 -8.92
CA TRP A 575 29.19 -1.21 -9.69
C TRP A 575 29.34 -1.14 -11.20
N SER A 576 28.91 -2.19 -11.88
CA SER A 576 28.87 -2.23 -13.34
C SER A 576 27.98 -1.15 -13.95
N LYS A 577 28.03 -1.05 -15.27
CA LYS A 577 27.12 -0.20 -16.02
C LYS A 577 25.70 -0.78 -16.03
N VAL A 578 24.74 -0.03 -16.55
CA VAL A 578 23.33 -0.42 -16.47
C VAL A 578 22.84 -1.24 -17.67
N SER A 579 22.07 -2.30 -17.40
CA SER A 579 21.45 -3.09 -18.44
C SER A 579 19.95 -3.15 -18.22
N TYR A 580 19.25 -3.86 -19.10
CA TYR A 580 17.80 -3.94 -19.02
C TYR A 580 17.27 -5.34 -19.28
N ILE A 581 16.14 -5.63 -18.64
CA ILE A 581 15.46 -6.89 -18.81
C ILE A 581 14.43 -6.81 -19.94
N ASP A 582 14.50 -7.78 -20.85
CA ASP A 582 13.47 -8.01 -21.85
C ASP A 582 12.51 -9.06 -21.32
N GLY A 583 11.26 -9.00 -21.76
CA GLY A 583 10.26 -9.95 -21.30
C GLY A 583 9.31 -9.39 -20.25
N ILE A 584 9.70 -8.30 -19.61
CA ILE A 584 8.80 -7.61 -18.69
C ILE A 584 8.60 -6.18 -19.15
N GLN A 585 7.36 -5.69 -19.04
CA GLN A 585 7.10 -4.29 -19.33
C GLN A 585 6.63 -3.54 -18.09
N GLN A 586 7.10 -2.31 -17.96
CA GLN A 586 6.53 -1.36 -17.02
C GLN A 586 6.06 -0.13 -17.80
N THR A 587 5.36 0.76 -17.11
CA THR A 587 4.94 2.02 -17.71
C THR A 587 6.14 2.94 -17.70
N SER A 588 6.01 4.08 -18.36
CA SER A 588 7.05 5.08 -18.41
C SER A 588 7.47 5.53 -17.01
N TYR A 589 6.52 5.67 -16.10
CA TYR A 589 6.84 6.08 -14.72
C TYR A 589 7.32 4.94 -13.80
N GLY A 590 7.01 3.70 -14.15
CA GLY A 590 7.51 2.57 -13.41
C GLY A 590 6.81 2.24 -12.11
N THR A 591 7.30 1.16 -11.49
CA THR A 591 6.74 0.65 -10.25
C THR A 591 7.89 -0.03 -9.52
N GLN A 592 7.88 0.05 -8.19
CA GLN A 592 8.83 -0.70 -7.39
C GLN A 592 8.87 -2.17 -7.80
N VAL A 593 10.05 -2.76 -7.78
CA VAL A 593 10.17 -4.19 -8.01
C VAL A 593 10.86 -4.86 -6.81
N SER A 594 10.30 -5.95 -6.31
CA SER A 594 10.96 -6.72 -5.26
C SER A 594 11.59 -7.97 -5.85
N ALA A 595 12.57 -8.51 -5.14
CA ALA A 595 13.41 -9.58 -5.66
C ALA A 595 14.12 -10.34 -4.55
N ILE A 596 14.21 -11.65 -4.73
CA ILE A 596 14.90 -12.49 -3.78
C ILE A 596 15.75 -13.57 -4.46
N LYS A 597 16.76 -14.02 -3.73
CA LYS A 597 17.50 -15.21 -4.09
C LYS A 597 16.82 -16.42 -3.45
N TYR A 598 16.24 -17.30 -4.27
CA TYR A 598 15.56 -18.49 -3.76
C TYR A 598 16.59 -19.56 -3.34
N SER A 599 16.33 -20.26 -2.23
CA SER A 599 17.32 -21.16 -1.61
C SER A 599 17.45 -22.51 -2.32
N GLN A 600 16.36 -22.98 -2.89
CA GLN A 600 16.35 -24.29 -3.53
C GLN A 600 16.55 -24.17 -5.02
N LEU A 601 17.17 -25.19 -5.59
CA LEU A 601 17.33 -25.28 -7.03
C LEU A 601 15.99 -25.49 -7.71
N ILE A 602 15.88 -24.99 -8.92
CA ILE A 602 14.71 -25.17 -9.76
C ILE A 602 15.24 -25.58 -11.12
N ASP A 603 14.77 -26.71 -11.63
CA ASP A 603 15.33 -27.32 -12.83
C ASP A 603 16.86 -27.47 -12.71
N GLY A 604 17.33 -27.62 -11.48
CA GLY A 604 18.75 -27.83 -11.22
C GLY A 604 19.61 -26.56 -11.21
N LYS A 605 18.97 -25.41 -11.23
CA LYS A 605 19.74 -24.18 -11.26
C LYS A 605 19.42 -23.31 -10.08
N GLU A 606 20.37 -22.45 -9.73
CA GLU A 606 20.13 -21.36 -8.80
C GLU A 606 19.04 -20.45 -9.38
N ALA A 607 18.17 -19.98 -8.49
CA ALA A 607 17.00 -19.28 -8.94
C ALA A 607 16.86 -17.93 -8.28
N VAL A 608 16.42 -16.97 -9.08
CA VAL A 608 16.01 -15.65 -8.62
C VAL A 608 14.49 -15.49 -8.87
N ILE A 609 13.80 -14.75 -8.00
CA ILE A 609 12.38 -14.46 -8.20
C ILE A 609 12.12 -12.94 -8.15
N LEU A 610 11.47 -12.40 -9.18
CA LEU A 610 11.10 -10.98 -9.25
C LEU A 610 9.58 -10.81 -9.10
N SER A 611 9.15 -9.82 -8.32
CA SER A 611 7.74 -9.43 -8.25
C SER A 611 7.53 -8.02 -8.84
N THR A 612 6.58 -7.89 -9.75
CA THR A 612 6.39 -6.68 -10.55
C THR A 612 5.11 -6.77 -11.36
N PRO A 613 4.43 -5.63 -11.54
CA PRO A 613 3.43 -5.60 -12.60
C PRO A 613 4.10 -5.92 -13.94
N ASN A 614 3.43 -6.63 -14.84
CA ASN A 614 3.91 -6.70 -16.21
C ASN A 614 2.92 -6.03 -17.16
N SER A 615 3.15 -4.75 -17.43
CA SER A 615 2.20 -3.95 -18.21
C SER A 615 2.77 -2.60 -18.65
N ARG A 616 2.55 -2.24 -19.91
CA ARG A 616 3.01 -0.93 -20.37
C ARG A 616 1.92 0.13 -20.18
N SER A 617 0.74 -0.31 -19.70
CA SER A 617 -0.44 0.55 -19.62
CA SER A 617 -0.43 0.55 -19.61
C SER A 617 -0.67 1.16 -18.22
N GLY A 618 -0.66 0.31 -17.20
CA GLY A 618 -0.87 0.77 -15.84
C GLY A 618 -0.23 -0.20 -14.87
N ARG A 619 -0.55 -0.05 -13.59
CA ARG A 619 -0.01 -0.94 -12.56
C ARG A 619 -0.99 -2.07 -12.38
N LYS A 620 -0.83 -3.07 -13.23
CA LYS A 620 -1.74 -4.20 -13.29
C LYS A 620 -0.94 -5.30 -13.95
N GLY A 621 -1.50 -6.49 -13.96
CA GLY A 621 -0.87 -7.62 -14.60
C GLY A 621 0.28 -8.12 -13.76
N GLY A 622 0.04 -8.29 -12.46
CA GLY A 622 1.07 -8.72 -11.54
C GLY A 622 1.66 -10.09 -11.81
N GLN A 623 2.98 -10.16 -11.68
CA GLN A 623 3.71 -11.40 -11.89
C GLN A 623 4.84 -11.65 -10.90
N LEU A 624 5.05 -12.92 -10.61
CA LEU A 624 6.30 -13.38 -10.05
C LEU A 624 7.04 -13.98 -11.22
N VAL A 625 8.27 -13.54 -11.45
CA VAL A 625 9.00 -14.04 -12.60
C VAL A 625 10.21 -14.84 -12.09
N VAL A 626 10.32 -16.07 -12.56
CA VAL A 626 11.38 -16.95 -12.05
C VAL A 626 12.54 -17.00 -13.04
N GLY A 627 13.73 -16.68 -12.53
CA GLY A 627 14.96 -16.67 -13.31
C GLY A 627 16.02 -17.65 -12.83
N LEU A 628 16.53 -18.43 -13.76
CA LEU A 628 17.59 -19.39 -13.49
C LEU A 628 18.94 -18.76 -13.83
N VAL A 629 19.89 -18.84 -12.91
CA VAL A 629 21.18 -18.19 -13.11
C VAL A 629 22.11 -19.09 -13.91
N ASN A 630 22.66 -18.54 -14.98
CA ASN A 630 23.73 -19.22 -15.70
C ASN A 630 24.98 -19.19 -14.82
N LYS A 631 25.34 -20.33 -14.26
CA LYS A 631 26.48 -20.44 -13.36
C LYS A 631 27.81 -20.12 -14.04
N GLU A 632 27.79 -19.95 -15.35
CA GLU A 632 29.01 -19.74 -16.11
C GLU A 632 29.28 -18.25 -16.31
N ASP A 633 28.22 -17.45 -16.38
CA ASP A 633 28.38 -16.03 -16.67
C ASP A 633 27.45 -15.09 -15.90
N ASP A 634 26.68 -15.66 -14.98
CA ASP A 634 25.75 -14.90 -14.10
C ASP A 634 24.59 -14.25 -14.85
N SER A 635 24.44 -14.56 -16.13
CA SER A 635 23.27 -14.10 -16.84
C SER A 635 22.08 -14.85 -16.27
N ILE A 636 20.88 -14.34 -16.52
CA ILE A 636 19.66 -14.90 -15.94
C ILE A 636 18.61 -15.26 -17.00
N ASP A 637 18.16 -16.51 -17.00
CA ASP A 637 17.12 -16.96 -17.92
C ASP A 637 15.76 -16.87 -17.26
N TRP A 638 14.97 -15.88 -17.69
CA TRP A 638 13.64 -15.68 -17.14
C TRP A 638 12.68 -16.68 -17.79
N LYS A 639 12.49 -17.82 -17.12
CA LYS A 639 11.88 -19.02 -17.71
C LYS A 639 10.39 -19.18 -17.38
N TYR A 640 9.98 -18.71 -16.22
CA TYR A 640 8.58 -18.84 -15.80
C TYR A 640 8.01 -17.47 -15.43
N HIS A 641 6.82 -17.19 -15.93
CA HIS A 641 6.09 -15.99 -15.56
C HIS A 641 4.78 -16.46 -14.88
N TYR A 642 4.62 -16.21 -13.59
CA TYR A 642 3.38 -16.55 -12.90
C TYR A 642 2.46 -15.35 -12.75
N ASP A 643 1.29 -15.45 -13.35
CA ASP A 643 0.22 -14.46 -13.22
C ASP A 643 -0.38 -14.47 -11.80
N ILE A 644 -0.23 -13.37 -11.06
CA ILE A 644 -0.84 -13.25 -9.73
C ILE A 644 -2.37 -13.23 -9.81
N ASP A 645 -2.90 -12.46 -10.75
CA ASP A 645 -4.33 -12.44 -10.98
C ASP A 645 -4.47 -12.01 -12.45
N LEU A 646 -5.60 -11.43 -12.84
CA LEU A 646 -5.82 -11.00 -14.23
C LEU A 646 -4.87 -9.90 -14.75
N PRO A 647 -4.47 -10.00 -16.02
CA PRO A 647 -3.70 -8.94 -16.67
C PRO A 647 -4.29 -7.54 -16.45
N SER A 648 -5.62 -7.43 -16.30
CA SER A 648 -6.24 -6.13 -16.07
C SER A 648 -6.49 -5.77 -14.60
N TYR A 649 -6.31 -6.72 -13.68
CA TYR A 649 -6.45 -6.40 -12.26
C TYR A 649 -5.17 -5.79 -11.69
N GLY A 650 -5.33 -4.86 -10.76
CA GLY A 650 -4.22 -4.04 -10.29
C GLY A 650 -3.15 -4.75 -9.50
N TYR A 651 -1.93 -4.32 -9.73
CA TYR A 651 -0.78 -4.84 -9.01
C TYR A 651 0.25 -3.72 -8.97
N ALA A 652 0.62 -3.28 -7.79
CA ALA A 652 1.56 -2.17 -7.67
C ALA A 652 2.83 -2.54 -6.93
N TYR A 653 3.16 -1.77 -5.89
CA TYR A 653 4.34 -2.05 -5.06
C TYR A 653 4.16 -3.42 -4.44
N SER A 654 5.26 -4.11 -4.19
CA SER A 654 5.14 -5.46 -3.64
C SER A 654 6.32 -5.88 -2.75
N ALA A 655 6.09 -6.94 -1.99
CA ALA A 655 7.13 -7.56 -1.18
C ALA A 655 7.10 -9.08 -1.32
N ILE A 656 8.27 -9.67 -1.50
CA ILE A 656 8.39 -11.13 -1.48
C ILE A 656 9.41 -11.62 -0.47
N THR A 657 9.12 -12.75 0.15
CA THR A 657 10.12 -13.43 0.96
C THR A 657 9.93 -14.93 0.85
N GLU A 658 11.05 -15.66 0.90
CA GLU A 658 10.96 -17.10 1.04
C GLU A 658 10.62 -17.39 2.48
N LEU A 659 9.44 -17.92 2.70
CA LEU A 659 9.06 -18.41 4.02
C LEU A 659 9.95 -19.61 4.40
N PRO A 660 10.11 -19.86 5.71
CA PRO A 660 10.96 -20.97 6.20
C PRO A 660 10.64 -22.36 5.63
N ASN A 661 9.39 -22.58 5.27
CA ASN A 661 8.99 -23.86 4.69
C ASN A 661 9.22 -23.91 3.19
N HIS A 662 9.89 -22.89 2.67
CA HIS A 662 10.20 -22.72 1.25
C HIS A 662 8.99 -22.28 0.41
N HIS A 663 7.89 -21.94 1.05
CA HIS A 663 6.82 -21.32 0.30
C HIS A 663 7.25 -19.89 0.00
N ILE A 664 6.49 -19.23 -0.87
CA ILE A 664 6.73 -17.83 -1.14
C ILE A 664 5.63 -17.00 -0.51
N GLY A 665 6.04 -15.98 0.26
CA GLY A 665 5.09 -15.03 0.82
C GLY A 665 5.02 -13.78 -0.04
N VAL A 666 3.80 -13.35 -0.39
CA VAL A 666 3.62 -12.12 -1.17
C VAL A 666 2.68 -11.13 -0.51
N LEU A 667 3.19 -9.93 -0.21
CA LEU A 667 2.39 -8.82 0.32
C LEU A 667 2.45 -7.66 -0.68
N PHE A 668 1.30 -7.28 -1.22
CA PHE A 668 1.29 -6.37 -2.35
C PHE A 668 0.08 -5.45 -2.38
N GLU A 669 0.25 -4.32 -3.05
CA GLU A 669 -0.84 -3.41 -3.30
C GLU A 669 -1.71 -4.01 -4.41
N LYS A 670 -2.89 -4.49 -4.04
CA LYS A 670 -3.78 -5.08 -5.05
C LYS A 670 -4.65 -4.00 -5.70
N TYR A 671 -3.98 -3.06 -6.36
CA TYR A 671 -4.67 -2.00 -7.07
C TYR A 671 -3.67 -1.14 -7.80
N ASP A 672 -4.18 -0.19 -8.59
CA ASP A 672 -3.30 0.70 -9.32
C ASP A 672 -3.00 1.95 -8.49
N SER A 673 -1.81 1.96 -7.89
CA SER A 673 -1.52 2.99 -6.90
C SER A 673 -0.97 4.26 -7.56
N TRP A 674 -0.98 4.29 -8.89
CA TRP A 674 -0.63 5.48 -9.63
C TRP A 674 -1.90 6.19 -10.08
N SER A 675 -2.85 5.41 -10.57
CA SER A 675 -4.15 5.90 -11.04
C SER A 675 -4.86 6.86 -10.09
N ARG A 676 -5.18 8.04 -10.60
CA ARG A 676 -5.91 9.05 -9.86
C ARG A 676 -7.38 8.68 -9.73
N ASN A 677 -7.79 7.59 -10.39
CA ASN A 677 -9.13 7.07 -10.18
C ASN A 677 -9.21 6.09 -8.98
N GLU A 678 -8.06 5.58 -8.53
CA GLU A 678 -8.04 4.54 -7.48
C GLU A 678 -7.37 4.99 -6.17
N LEU A 679 -7.40 6.28 -5.88
CA LEU A 679 -6.89 6.78 -4.61
C LEU A 679 -7.82 6.36 -3.47
N HIS A 680 -7.24 6.19 -2.29
CA HIS A 680 -7.96 6.03 -1.01
C HIS A 680 -8.93 4.83 -0.99
N LEU A 681 -8.41 3.68 -1.39
CA LEU A 681 -9.13 2.42 -1.23
C LEU A 681 -8.63 1.72 0.06
N SER A 682 -9.54 1.13 0.81
CA SER A 682 -9.12 0.40 2.01
C SER A 682 -8.93 -1.11 1.81
N ASN A 683 -7.92 -1.66 2.46
CA ASN A 683 -7.68 -3.11 2.48
C ASN A 683 -7.40 -3.74 1.13
N VAL A 684 -6.55 -3.08 0.34
CA VAL A 684 -6.14 -3.57 -0.97
C VAL A 684 -4.68 -4.02 -0.92
N VAL A 685 -3.98 -3.69 0.15
CA VAL A 685 -2.70 -4.36 0.41
C VAL A 685 -2.94 -5.74 0.99
N GLN A 686 -2.68 -6.76 0.17
CA GLN A 686 -3.03 -8.14 0.50
C GLN A 686 -1.82 -9.09 0.57
N TYR A 687 -1.97 -10.18 1.31
CA TYR A 687 -0.93 -11.20 1.44
C TYR A 687 -1.42 -12.53 0.88
N ILE A 688 -0.56 -13.21 0.13
CA ILE A 688 -0.87 -14.57 -0.32
C ILE A 688 0.31 -15.50 -0.12
N ASP A 689 0.02 -16.79 -0.21
CA ASP A 689 1.01 -17.85 -0.04
C ASP A 689 1.09 -18.69 -1.32
N LEU A 690 2.29 -18.84 -1.86
CA LEU A 690 2.49 -19.63 -3.07
C LEU A 690 3.60 -20.64 -2.85
N GLU A 691 3.60 -21.70 -3.66
CA GLU A 691 4.68 -22.67 -3.70
C GLU A 691 5.30 -22.61 -5.08
N ILE A 692 6.56 -23.05 -5.20
CA ILE A 692 7.27 -22.97 -6.46
C ILE A 692 6.51 -23.66 -7.57
N ASN A 693 5.99 -24.85 -7.27
CA ASN A 693 5.13 -25.57 -8.19
C ASN A 693 3.97 -24.72 -8.74
N ASP A 694 3.45 -23.79 -7.94
CA ASP A 694 2.43 -22.88 -8.45
C ASP A 694 3.02 -21.94 -9.49
N LEU A 695 4.27 -21.52 -9.28
CA LEU A 695 4.90 -20.55 -10.17
C LEU A 695 5.23 -21.18 -11.51
N THR A 696 5.62 -22.45 -11.51
CA THR A 696 6.00 -23.15 -12.72
C THR A 696 4.79 -23.80 -13.34
CAG MFY B . 7.56 10.54 -2.25
CAE MFY B . 7.76 11.32 -1.20
CAM MFY B . 8.77 10.99 -0.26
CL MFY B . 9.00 12.02 1.08
CAF MFY B . 9.54 9.86 -0.42
CAH MFY B . 9.31 9.03 -1.53
CAN MFY B . 8.35 9.37 -2.43
CAK MFY B . 8.09 8.52 -3.64
NAL MFY B . 6.84 7.69 -3.60
CAI MFY B . 6.53 7.23 -4.96
CAJ MFY B . 5.32 6.38 -5.02
SAO MFY B . 4.39 6.34 -6.53
OAC MFY B . 3.25 5.40 -6.33
OAB MFY B . 5.26 5.87 -7.68
OAA MFY B . 3.89 7.66 -6.81
C1 GOL C . 16.26 -13.08 4.49
O1 GOL C . 16.14 -14.29 5.20
C2 GOL C . 15.38 -13.11 3.24
O2 GOL C . 14.04 -12.85 3.61
C3 GOL C . 15.87 -12.07 2.24
O3 GOL C . 15.13 -12.16 1.03
#